data_8P7E
#
_entry.id   8P7E
#
_cell.length_a   60.970
_cell.length_b   88.552
_cell.length_c   65.761
_cell.angle_alpha   90.000
_cell.angle_beta   96.170
_cell.angle_gamma   90.000
#
_symmetry.space_group_name_H-M   'P 1 21 1'
#
loop_
_entity.id
_entity.type
_entity.pdbx_description
1 polymer Lipase
2 non-polymer BENZYLAMINE
3 water water
#
_entity_poly.entity_id   1
_entity_poly.type   'polypeptide(L)'
_entity_poly.pdbx_seq_one_letter_code
;MGSSHHHHHHSQDPMTDSTTHYTRPDVAAFLAFLNAQEGPKMEEMPPAGAREMMRVMGQLADVPRGEIAKVEDRMIPGPD
GDIPIRLYDNRPDREAGPVMVFYHGGGWVIGDLETHDPYCAEAARILDMPVIAIDYRLAPEHPFPAAPIDCEAATRWVAD
NIACTGLVLSGDSAGGNLTIVTALALRDEPAAKPVIAIHPIYPAVTTHNDWQSYRDFGEGHLLTEGSMTWFGNHYAADPA
DRRAAPIDFPADGLPPTLLITASLDPLRDQGRAYAAKLIEAGVPTTYREAKGTIHGYICLAQGIPSAKDDIRGALTVLKA
IVAEATGAA
;
_entity_poly.pdbx_strand_id   A,B
#
loop_
_chem_comp.id
_chem_comp.type
_chem_comp.name
_chem_comp.formula
ABN non-polymer BENZYLAMINE 'C7 H9 N'
#
# COMPACT_ATOMS: atom_id res chain seq x y z
N THR A 20 26.82 -7.80 -4.13
CA THR A 20 25.93 -8.19 -5.26
C THR A 20 24.48 -7.77 -4.96
N HIS A 21 23.74 -8.59 -4.22
CA HIS A 21 22.37 -8.23 -3.86
C HIS A 21 22.31 -7.99 -2.36
N TYR A 22 21.63 -6.93 -1.95
CA TYR A 22 21.58 -6.56 -0.55
C TYR A 22 21.03 -7.71 0.28
N THR A 23 21.82 -8.13 1.29
CA THR A 23 21.49 -9.24 2.14
C THR A 23 21.71 -8.80 3.56
N ARG A 24 20.76 -8.92 4.47
CA ARG A 24 20.95 -8.59 5.86
C ARG A 24 22.03 -9.47 6.48
N PRO A 25 22.88 -8.95 7.37
CA PRO A 25 23.92 -9.82 7.95
C PRO A 25 23.38 -11.09 8.60
N ASP A 26 22.24 -11.04 9.29
CA ASP A 26 21.73 -12.22 9.97
C ASP A 26 21.21 -13.24 8.96
N VAL A 27 20.69 -12.77 7.83
CA VAL A 27 20.22 -13.63 6.78
C VAL A 27 21.43 -14.35 6.15
N ALA A 28 22.50 -13.60 5.90
CA ALA A 28 23.68 -14.20 5.31
C ALA A 28 24.25 -15.25 6.26
N ALA A 29 24.25 -15.00 7.56
CA ALA A 29 24.72 -15.94 8.56
C ALA A 29 23.91 -17.21 8.50
N PHE A 30 22.59 -17.06 8.42
CA PHE A 30 21.74 -18.23 8.34
C PHE A 30 21.98 -19.02 7.07
N LEU A 31 22.09 -18.38 5.91
CA LEU A 31 22.35 -19.06 4.66
C LEU A 31 23.67 -19.84 4.77
N ALA A 32 24.68 -19.25 5.43
CA ALA A 32 25.96 -19.94 5.50
C ALA A 32 25.81 -21.17 6.35
N PHE A 33 25.03 -21.09 7.45
CA PHE A 33 24.78 -22.24 8.29
C PHE A 33 24.05 -23.32 7.49
N LEU A 34 23.00 -22.95 6.72
CA LEU A 34 22.24 -23.86 5.87
C LEU A 34 23.18 -24.61 4.91
N ASN A 35 24.05 -23.85 4.25
CA ASN A 35 24.93 -24.35 3.20
C ASN A 35 25.91 -25.37 3.76
N ALA A 36 26.25 -25.30 5.05
CA ALA A 36 27.25 -26.18 5.64
C ALA A 36 26.62 -27.47 6.12
N GLN A 37 25.29 -27.62 5.99
CA GLN A 37 24.65 -28.81 6.53
C GLN A 37 24.82 -29.92 5.49
N GLU A 38 25.04 -31.13 5.99
CA GLU A 38 25.13 -32.31 5.16
C GLU A 38 23.77 -32.99 5.16
N GLY A 39 23.59 -33.90 4.21
CA GLY A 39 22.35 -34.64 4.13
C GLY A 39 21.64 -34.27 2.84
N PRO A 40 20.64 -35.07 2.43
CA PRO A 40 20.03 -34.91 1.12
C PRO A 40 19.21 -33.61 1.07
N LYS A 41 19.12 -33.06 -0.14
CA LYS A 41 18.22 -31.96 -0.43
C LYS A 41 16.79 -32.47 -0.35
N MET A 42 15.86 -31.55 -0.10
CA MET A 42 14.45 -31.90 -0.01
C MET A 42 13.98 -32.67 -1.23
N GLU A 43 14.40 -32.20 -2.41
CA GLU A 43 14.04 -32.73 -3.71
C GLU A 43 14.52 -34.18 -3.90
N GLU A 44 15.40 -34.65 -3.01
CA GLU A 44 15.90 -36.01 -3.15
C GLU A 44 15.16 -36.96 -2.21
N MET A 45 14.09 -36.49 -1.56
CA MET A 45 13.41 -37.22 -0.51
C MET A 45 12.00 -37.56 -0.95
N PRO A 46 11.41 -38.64 -0.40
CA PRO A 46 9.99 -38.90 -0.57
C PRO A 46 9.25 -37.83 0.24
N PRO A 47 7.96 -37.62 -0.01
CA PRO A 47 7.21 -36.61 0.74
C PRO A 47 7.28 -36.77 2.25
N ALA A 48 7.24 -38.00 2.77
CA ALA A 48 7.27 -38.17 4.22
C ALA A 48 8.58 -37.64 4.80
N GLY A 49 9.71 -37.85 4.12
CA GLY A 49 10.97 -37.33 4.61
C GLY A 49 11.04 -35.82 4.57
N ALA A 50 10.53 -35.23 3.46
CA ALA A 50 10.50 -33.79 3.31
C ALA A 50 9.67 -33.18 4.42
N ARG A 51 8.55 -33.80 4.74
CA ARG A 51 7.67 -33.32 5.78
C ARG A 51 8.38 -33.29 7.12
N GLU A 52 9.10 -34.36 7.43
CA GLU A 52 9.88 -34.42 8.64
C GLU A 52 10.98 -33.35 8.66
N MET A 53 11.64 -33.12 7.52
CA MET A 53 12.69 -32.10 7.42
C MET A 53 12.12 -30.74 7.81
N MET A 54 10.92 -30.40 7.33
N MET A 54 10.92 -30.41 7.33
CA MET A 54 10.40 -29.08 7.61
CA MET A 54 10.36 -29.10 7.60
C MET A 54 10.04 -28.99 9.10
C MET A 54 10.04 -28.99 9.10
N ARG A 55 9.51 -30.06 9.69
CA ARG A 55 9.17 -30.05 11.11
C ARG A 55 10.44 -29.81 11.91
N VAL A 56 11.52 -30.52 11.57
CA VAL A 56 12.76 -30.40 12.30
C VAL A 56 13.35 -29.00 12.13
N MET A 57 13.27 -28.45 10.94
CA MET A 57 13.79 -27.12 10.70
C MET A 57 13.06 -26.12 11.57
N GLY A 58 11.74 -26.24 11.73
CA GLY A 58 11.00 -25.32 12.56
C GLY A 58 11.38 -25.44 14.03
N GLN A 59 11.58 -26.69 14.48
CA GLN A 59 12.01 -26.92 15.84
C GLN A 59 13.34 -26.23 16.11
N LEU A 60 14.22 -26.21 15.12
CA LEU A 60 15.56 -25.67 15.33
C LEU A 60 15.63 -24.16 15.06
N ALA A 61 14.89 -23.67 14.04
CA ALA A 61 15.11 -22.33 13.53
C ALA A 61 13.91 -21.41 13.73
N ASP A 62 12.80 -21.89 14.28
CA ASP A 62 11.67 -21.01 14.58
C ASP A 62 11.59 -20.78 16.10
N VAL A 63 10.89 -19.74 16.50
CA VAL A 63 10.62 -19.48 17.90
C VAL A 63 9.56 -20.45 18.42
N PRO A 64 9.37 -20.55 19.75
CA PRO A 64 8.27 -21.36 20.27
C PRO A 64 6.92 -20.70 20.09
N ARG A 65 5.87 -21.46 20.38
CA ARG A 65 4.51 -20.98 20.40
C ARG A 65 4.38 -19.76 21.30
N GLY A 66 5.01 -19.86 22.48
CA GLY A 66 4.83 -18.84 23.51
C GLY A 66 3.48 -18.91 24.21
N GLU A 67 3.23 -17.94 25.08
CA GLU A 67 2.03 -17.93 25.87
C GLU A 67 0.84 -17.42 25.04
N ILE A 68 -0.24 -18.18 25.11
CA ILE A 68 -1.48 -17.82 24.45
C ILE A 68 -2.66 -18.41 25.20
N ALA A 69 -3.76 -17.68 25.31
CA ALA A 69 -4.86 -18.05 26.18
C ALA A 69 -5.52 -19.36 25.79
N LYS A 70 -5.76 -19.55 24.48
CA LYS A 70 -6.61 -20.62 23.97
C LYS A 70 -6.05 -21.12 22.64
N VAL A 71 -5.87 -22.44 22.57
CA VAL A 71 -5.62 -23.14 21.31
C VAL A 71 -6.47 -24.39 21.33
N GLU A 72 -7.25 -24.60 20.28
CA GLU A 72 -8.18 -25.71 20.25
C GLU A 72 -8.18 -26.33 18.88
N ASP A 73 -8.33 -27.62 18.80
CA ASP A 73 -8.32 -28.39 17.57
C ASP A 73 -9.69 -29.00 17.39
N ARG A 74 -10.21 -29.02 16.16
CA ARG A 74 -11.34 -29.86 15.82
C ARG A 74 -11.35 -30.23 14.34
N MET A 75 -12.28 -31.12 14.00
CA MET A 75 -12.54 -31.52 12.63
C MET A 75 -13.81 -30.87 12.19
N ILE A 76 -13.87 -30.41 10.92
CA ILE A 76 -15.07 -29.90 10.33
C ILE A 76 -15.40 -30.72 9.09
N PRO A 77 -16.68 -30.72 8.69
CA PRO A 77 -17.04 -31.41 7.44
C PRO A 77 -16.43 -30.73 6.23
N GLY A 78 -16.04 -31.54 5.26
CA GLY A 78 -15.61 -30.99 4.00
C GLY A 78 -16.11 -31.87 2.84
N PRO A 79 -16.05 -31.34 1.61
CA PRO A 79 -16.67 -32.02 0.48
C PRO A 79 -16.00 -33.35 0.16
N ASP A 80 -14.73 -33.53 0.46
CA ASP A 80 -14.04 -34.76 0.11
C ASP A 80 -13.50 -35.38 1.38
N GLY A 81 -14.16 -35.14 2.53
CA GLY A 81 -13.72 -35.64 3.80
C GLY A 81 -13.52 -34.52 4.83
N ASP A 82 -13.34 -34.93 6.06
CA ASP A 82 -13.20 -33.99 7.16
C ASP A 82 -11.89 -33.21 7.05
N ILE A 83 -11.94 -31.96 7.53
CA ILE A 83 -10.79 -31.07 7.49
C ILE A 83 -10.39 -30.72 8.91
N PRO A 84 -9.15 -30.93 9.31
CA PRO A 84 -8.70 -30.46 10.62
C PRO A 84 -8.43 -28.96 10.59
N ILE A 85 -8.79 -28.33 11.70
CA ILE A 85 -8.57 -26.90 11.87
C ILE A 85 -8.11 -26.64 13.29
N ARG A 86 -7.41 -25.53 13.50
CA ARG A 86 -6.87 -25.16 14.80
C ARG A 86 -7.20 -23.69 15.03
N LEU A 87 -7.79 -23.39 16.18
CA LEU A 87 -8.13 -22.04 16.61
C LEU A 87 -7.13 -21.55 17.62
N TYR A 88 -6.59 -20.36 17.37
CA TYR A 88 -5.73 -19.63 18.30
C TYR A 88 -6.41 -18.34 18.72
N ASP A 89 -6.48 -18.08 20.03
CA ASP A 89 -7.13 -16.85 20.47
C ASP A 89 -6.52 -16.43 21.79
N ASN A 90 -5.97 -15.24 21.82
CA ASN A 90 -5.39 -14.73 23.05
C ASN A 90 -6.38 -13.91 23.87
N ARG A 91 -7.64 -13.79 23.44
CA ARG A 91 -8.64 -13.03 24.18
C ARG A 91 -10.02 -13.63 23.94
N PRO A 92 -10.25 -14.86 24.46
CA PRO A 92 -11.48 -15.59 24.12
C PRO A 92 -12.78 -14.98 24.62
N ASP A 93 -12.74 -14.00 25.55
CA ASP A 93 -14.00 -13.38 25.92
C ASP A 93 -14.36 -12.17 25.04
N ARG A 94 -13.71 -12.03 23.90
CA ARG A 94 -14.03 -10.98 22.96
C ARG A 94 -15.48 -10.97 22.50
N GLU A 95 -15.93 -9.81 22.02
CA GLU A 95 -17.16 -9.69 21.26
C GLU A 95 -16.86 -10.17 19.84
N ALA A 96 -17.91 -10.52 19.12
CA ALA A 96 -17.77 -10.88 17.72
C ALA A 96 -17.03 -9.79 16.99
N GLY A 97 -16.02 -10.20 16.19
CA GLY A 97 -15.27 -9.25 15.39
C GLY A 97 -14.64 -9.99 14.23
N PRO A 98 -13.56 -9.44 13.65
CA PRO A 98 -12.90 -10.16 12.56
C PRO A 98 -12.29 -11.45 13.04
N VAL A 99 -12.17 -12.42 12.12
CA VAL A 99 -11.45 -13.65 12.37
C VAL A 99 -10.53 -13.89 11.18
N MET A 100 -9.29 -14.31 11.46
CA MET A 100 -8.36 -14.64 10.43
C MET A 100 -8.47 -16.12 10.14
N VAL A 101 -8.44 -16.46 8.84
CA VAL A 101 -8.30 -17.83 8.37
C VAL A 101 -6.97 -17.92 7.67
N PHE A 102 -6.15 -18.87 8.11
CA PHE A 102 -4.76 -18.95 7.71
C PHE A 102 -4.51 -20.27 6.99
N TYR A 103 -3.79 -20.20 5.86
CA TYR A 103 -3.38 -21.34 5.06
C TYR A 103 -1.87 -21.40 5.05
N HIS A 104 -1.29 -22.45 5.62
CA HIS A 104 0.15 -22.57 5.66
C HIS A 104 0.76 -22.84 4.31
N GLY A 105 2.04 -22.52 4.20
CA GLY A 105 2.83 -22.86 3.05
C GLY A 105 3.55 -24.21 3.19
N GLY A 106 4.33 -24.51 2.17
CA GLY A 106 4.94 -25.83 2.05
C GLY A 106 4.78 -26.40 0.64
N GLY A 107 4.64 -25.59 -0.39
CA GLY A 107 4.66 -26.06 -1.77
C GLY A 107 3.54 -27.03 -2.07
N TRP A 108 2.44 -26.98 -1.31
CA TRP A 108 1.26 -27.82 -1.47
C TRP A 108 1.59 -29.30 -1.15
N VAL A 109 2.76 -29.57 -0.58
CA VAL A 109 3.18 -30.94 -0.27
C VAL A 109 3.50 -31.10 1.19
N ILE A 110 4.18 -30.11 1.81
CA ILE A 110 4.62 -30.24 3.17
C ILE A 110 3.99 -29.11 4.00
N GLY A 111 4.33 -29.11 5.29
CA GLY A 111 3.72 -28.18 6.23
C GLY A 111 2.47 -28.77 6.83
N ASP A 112 2.10 -28.25 8.01
CA ASP A 112 0.97 -28.75 8.74
C ASP A 112 0.60 -27.77 9.84
N LEU A 113 -0.22 -28.18 10.78
CA LEU A 113 -0.60 -27.27 11.85
C LEU A 113 0.58 -27.01 12.79
N GLU A 114 1.57 -27.90 12.86
CA GLU A 114 2.68 -27.66 13.77
C GLU A 114 3.75 -26.76 13.16
N THR A 115 4.02 -26.88 11.84
CA THR A 115 5.12 -26.12 11.24
C THR A 115 4.88 -24.61 11.34
N HIS A 116 3.61 -24.20 11.35
CA HIS A 116 3.29 -22.77 11.34
C HIS A 116 2.64 -22.35 12.63
N ASP A 117 2.69 -23.20 13.65
CA ASP A 117 2.09 -22.91 14.94
C ASP A 117 2.69 -21.66 15.60
N PRO A 118 4.03 -21.48 15.65
CA PRO A 118 4.59 -20.28 16.24
C PRO A 118 4.06 -19.01 15.57
N TYR A 119 3.98 -19.01 14.23
CA TYR A 119 3.52 -17.80 13.56
C TYR A 119 2.05 -17.54 13.86
N CYS A 120 1.22 -18.57 13.81
CA CYS A 120 -0.20 -18.36 14.06
C CYS A 120 -0.45 -17.81 15.47
N ALA A 121 0.29 -18.30 16.47
CA ALA A 121 0.10 -17.80 17.83
C ALA A 121 0.53 -16.35 17.89
N GLU A 122 1.68 -16.02 17.28
CA GLU A 122 2.12 -14.65 17.22
C GLU A 122 1.14 -13.74 16.52
N ALA A 123 0.58 -14.19 15.40
CA ALA A 123 -0.44 -13.42 14.70
C ALA A 123 -1.65 -13.17 15.57
N ALA A 124 -2.14 -14.18 16.30
CA ALA A 124 -3.25 -14.00 17.18
C ALA A 124 -2.93 -12.94 18.24
N ARG A 125 -1.73 -13.00 18.76
CA ARG A 125 -1.37 -12.04 19.81
C ARG A 125 -1.31 -10.64 19.27
N ILE A 126 -0.66 -10.43 18.12
CA ILE A 126 -0.44 -9.08 17.62
C ILE A 126 -1.74 -8.50 17.08
N LEU A 127 -2.47 -9.32 16.30
CA LEU A 127 -3.66 -8.81 15.67
C LEU A 127 -4.83 -8.63 16.65
N ASP A 128 -4.83 -9.40 17.75
CA ASP A 128 -5.95 -9.45 18.67
C ASP A 128 -7.24 -9.83 17.94
N MET A 129 -7.09 -10.90 17.15
CA MET A 129 -8.25 -11.57 16.58
C MET A 129 -8.00 -13.07 16.67
N PRO A 130 -9.06 -13.88 16.63
CA PRO A 130 -8.84 -15.32 16.50
C PRO A 130 -8.21 -15.64 15.14
N VAL A 131 -7.33 -16.63 15.17
CA VAL A 131 -6.70 -17.18 13.97
C VAL A 131 -7.09 -18.63 13.86
N ILE A 132 -7.64 -19.00 12.70
CA ILE A 132 -8.03 -20.38 12.44
C ILE A 132 -7.18 -20.91 11.30
N ALA A 133 -6.30 -21.83 11.66
CA ALA A 133 -5.42 -22.45 10.67
C ALA A 133 -6.05 -23.69 10.07
N ILE A 134 -5.93 -23.86 8.75
CA ILE A 134 -6.55 -24.97 8.02
C ILE A 134 -5.50 -26.02 7.66
N ASP A 135 -5.76 -27.27 8.02
CA ASP A 135 -4.88 -28.38 7.65
C ASP A 135 -5.39 -29.01 6.34
N TYR A 136 -5.20 -28.32 5.23
CA TYR A 136 -5.76 -28.72 3.95
C TYR A 136 -4.99 -29.92 3.37
N ARG A 137 -5.70 -30.64 2.50
CA ARG A 137 -5.14 -31.83 1.89
CA ARG A 137 -5.16 -31.83 1.87
C ARG A 137 -3.91 -31.50 1.04
N LEU A 138 -2.91 -32.38 1.16
CA LEU A 138 -1.60 -32.20 0.53
C LEU A 138 -1.36 -33.20 -0.59
N ALA A 139 -0.63 -32.71 -1.57
CA ALA A 139 -0.10 -33.50 -2.68
C ALA A 139 1.16 -34.22 -2.22
N PRO A 140 1.58 -35.36 -2.86
CA PRO A 140 0.90 -35.96 -4.00
C PRO A 140 -0.28 -36.88 -3.71
N GLU A 141 -0.55 -37.16 -2.45
CA GLU A 141 -1.70 -38.00 -2.11
C GLU A 141 -3.00 -37.39 -2.59
N HIS A 142 -3.10 -36.05 -2.48
CA HIS A 142 -4.27 -35.32 -2.92
C HIS A 142 -3.79 -34.20 -3.80
N PRO A 143 -3.65 -34.43 -5.12
CA PRO A 143 -3.09 -33.40 -5.99
C PRO A 143 -4.10 -32.27 -6.18
N PHE A 144 -3.65 -31.22 -6.87
CA PHE A 144 -4.52 -30.15 -7.30
C PHE A 144 -5.80 -30.72 -7.91
N PRO A 145 -7.00 -30.25 -7.62
CA PRO A 145 -7.28 -29.04 -6.81
C PRO A 145 -7.69 -29.28 -5.36
N ALA A 146 -7.17 -30.32 -4.72
CA ALA A 146 -7.60 -30.63 -3.35
C ALA A 146 -7.34 -29.47 -2.40
N ALA A 147 -6.17 -28.85 -2.49
CA ALA A 147 -5.86 -27.78 -1.53
C ALA A 147 -6.86 -26.64 -1.67
N PRO A 148 -7.09 -26.02 -2.83
CA PRO A 148 -8.08 -24.96 -2.98
C PRO A 148 -9.48 -25.39 -2.54
N ILE A 149 -9.88 -26.64 -2.83
CA ILE A 149 -11.22 -27.08 -2.46
C ILE A 149 -11.34 -27.06 -0.92
N ASP A 150 -10.33 -27.60 -0.24
CA ASP A 150 -10.40 -27.66 1.22
C ASP A 150 -10.37 -26.25 1.81
N CYS A 151 -9.50 -25.39 1.27
CA CYS A 151 -9.36 -24.05 1.83
C CYS A 151 -10.65 -23.27 1.65
N GLU A 152 -11.33 -23.37 0.51
CA GLU A 152 -12.58 -22.68 0.29
C GLU A 152 -13.66 -23.27 1.20
N ALA A 153 -13.73 -24.60 1.31
CA ALA A 153 -14.79 -25.16 2.16
C ALA A 153 -14.58 -24.80 3.62
N ALA A 154 -13.34 -24.86 4.12
CA ALA A 154 -13.08 -24.53 5.52
C ALA A 154 -13.42 -23.08 5.76
N THR A 155 -13.10 -22.16 4.83
CA THR A 155 -13.32 -20.73 5.00
C THR A 155 -14.82 -20.46 5.06
N ARG A 156 -15.60 -21.06 4.16
CA ARG A 156 -17.06 -20.93 4.22
C ARG A 156 -17.60 -21.50 5.54
N TRP A 157 -17.04 -22.60 6.01
CA TRP A 157 -17.49 -23.18 7.28
C TRP A 157 -17.29 -22.17 8.40
N VAL A 158 -16.10 -21.54 8.46
CA VAL A 158 -15.82 -20.55 9.49
C VAL A 158 -16.83 -19.45 9.42
N ALA A 159 -17.12 -18.90 8.24
CA ALA A 159 -18.10 -17.85 8.12
C ALA A 159 -19.48 -18.25 8.64
N ASP A 160 -19.82 -19.50 8.40
CA ASP A 160 -21.15 -19.96 8.83
C ASP A 160 -21.18 -20.19 10.33
N ASN A 161 -20.13 -20.72 10.93
CA ASN A 161 -20.23 -21.35 12.25
C ASN A 161 -19.53 -20.63 13.38
N ILE A 162 -18.68 -19.67 13.06
CA ILE A 162 -17.93 -18.93 14.08
C ILE A 162 -18.51 -17.54 14.20
N ALA A 163 -18.66 -17.07 15.45
CA ALA A 163 -19.10 -15.70 15.67
C ALA A 163 -18.02 -14.75 15.16
N CYS A 164 -18.37 -14.01 14.15
CA CYS A 164 -17.44 -13.09 13.55
C CYS A 164 -18.23 -12.09 12.73
N THR A 165 -17.62 -10.98 12.40
CA THR A 165 -18.24 -9.98 11.59
C THR A 165 -17.70 -10.01 10.15
N GLY A 166 -16.54 -10.62 9.99
CA GLY A 166 -15.91 -10.65 8.67
C GLY A 166 -14.61 -11.42 8.79
N LEU A 167 -14.09 -11.79 7.63
CA LEU A 167 -12.95 -12.68 7.54
C LEU A 167 -11.73 -11.94 7.04
N VAL A 168 -10.59 -12.34 7.56
CA VAL A 168 -9.28 -11.85 7.10
C VAL A 168 -8.50 -13.05 6.64
N LEU A 169 -8.24 -13.21 5.33
CA LEU A 169 -7.59 -14.42 4.84
C LEU A 169 -6.10 -14.18 4.73
N SER A 170 -5.28 -15.15 5.07
CA SER A 170 -3.83 -14.97 5.00
C SER A 170 -3.14 -16.30 4.85
N GLY A 171 -1.89 -16.29 4.36
CA GLY A 171 -1.09 -17.50 4.26
C GLY A 171 0.19 -17.16 3.55
N ASP A 172 1.17 -18.06 3.68
CA ASP A 172 2.51 -17.86 3.14
C ASP A 172 2.79 -18.80 1.98
N SER A 173 3.38 -18.27 0.92
CA SER A 173 3.92 -19.06 -0.19
C SER A 173 2.77 -19.77 -0.92
N ALA A 174 2.69 -21.12 -0.89
CA ALA A 174 1.54 -21.84 -1.37
C ALA A 174 0.27 -21.36 -0.67
N GLY A 175 0.40 -20.99 0.60
CA GLY A 175 -0.71 -20.44 1.35
C GLY A 175 -1.09 -19.03 0.97
N GLY A 176 -0.13 -18.30 0.41
CA GLY A 176 -0.40 -16.99 -0.16
C GLY A 176 -1.18 -17.09 -1.46
N ASN A 177 -0.83 -18.10 -2.27
CA ASN A 177 -1.61 -18.49 -3.42
C ASN A 177 -3.05 -18.83 -3.00
N LEU A 178 -3.16 -19.66 -1.97
CA LEU A 178 -4.49 -20.12 -1.54
C LEU A 178 -5.32 -18.95 -0.98
N THR A 179 -4.65 -17.98 -0.34
CA THR A 179 -5.31 -16.76 0.14
C THR A 179 -6.02 -16.05 -1.00
N ILE A 180 -5.27 -15.81 -2.05
CA ILE A 180 -5.78 -15.03 -3.19
C ILE A 180 -6.88 -15.82 -3.92
N VAL A 181 -6.63 -17.11 -4.12
CA VAL A 181 -7.60 -17.98 -4.79
C VAL A 181 -8.91 -18.05 -4.04
N THR A 182 -8.82 -18.18 -2.70
CA THR A 182 -10.01 -18.27 -1.90
C THR A 182 -10.75 -16.95 -1.86
N ALA A 183 -10.03 -15.82 -1.80
CA ALA A 183 -10.64 -14.51 -1.84
C ALA A 183 -11.40 -14.31 -3.15
N LEU A 184 -10.84 -14.77 -4.28
CA LEU A 184 -11.55 -14.70 -5.55
C LEU A 184 -12.82 -15.54 -5.54
N ALA A 185 -12.73 -16.72 -4.95
CA ALA A 185 -13.91 -17.60 -4.87
C ALA A 185 -15.04 -16.92 -4.09
N LEU A 186 -14.71 -16.31 -2.96
CA LEU A 186 -15.70 -15.68 -2.11
C LEU A 186 -16.19 -14.36 -2.69
N ARG A 187 -15.39 -13.67 -3.48
CA ARG A 187 -15.84 -12.50 -4.19
C ARG A 187 -16.97 -12.88 -5.12
N ASP A 188 -16.74 -13.96 -5.87
CA ASP A 188 -17.73 -14.35 -6.89
C ASP A 188 -18.99 -14.89 -6.23
N GLU A 189 -18.86 -15.62 -5.11
CA GLU A 189 -19.99 -16.23 -4.42
C GLU A 189 -19.79 -16.02 -2.93
N PRO A 190 -20.35 -14.92 -2.38
CA PRO A 190 -20.10 -14.57 -1.00
C PRO A 190 -20.39 -15.66 0.01
N ALA A 191 -19.56 -15.69 1.04
CA ALA A 191 -19.82 -16.52 2.20
C ALA A 191 -20.84 -15.80 3.10
N ALA A 192 -21.09 -16.41 4.28
CA ALA A 192 -22.03 -15.81 5.21
C ALA A 192 -21.55 -14.48 5.79
N LYS A 193 -20.23 -14.24 5.73
CA LYS A 193 -19.62 -13.00 6.19
C LYS A 193 -18.66 -12.53 5.11
N PRO A 194 -18.46 -11.23 4.96
CA PRO A 194 -17.57 -10.71 3.93
C PRO A 194 -16.13 -10.96 4.29
N VAL A 195 -15.30 -11.10 3.27
CA VAL A 195 -13.84 -10.96 3.41
C VAL A 195 -13.50 -9.50 3.48
N ILE A 196 -12.97 -9.06 4.63
CA ILE A 196 -12.73 -7.66 4.82
C ILE A 196 -11.31 -7.27 4.44
N ALA A 197 -10.37 -8.21 4.44
CA ALA A 197 -9.00 -7.92 4.07
C ALA A 197 -8.29 -9.23 3.76
N ILE A 198 -7.24 -9.18 2.95
CA ILE A 198 -6.40 -10.34 2.74
C ILE A 198 -4.93 -9.98 2.92
N HIS A 199 -4.13 -10.96 3.32
CA HIS A 199 -2.71 -10.80 3.57
C HIS A 199 -1.93 -11.95 3.02
N PRO A 200 -1.72 -12.00 1.69
CA PRO A 200 -0.82 -12.97 1.11
C PRO A 200 0.63 -12.63 1.41
N ILE A 201 1.39 -13.61 1.89
CA ILE A 201 2.78 -13.47 2.26
C ILE A 201 3.63 -14.24 1.27
N TYR A 202 4.56 -13.56 0.63
CA TYR A 202 5.42 -14.06 -0.47
C TYR A 202 4.70 -15.09 -1.31
N PRO A 203 3.55 -14.73 -1.90
CA PRO A 203 2.73 -15.70 -2.61
C PRO A 203 3.28 -16.13 -3.96
N ALA A 204 2.88 -17.33 -4.38
CA ALA A 204 2.93 -17.73 -5.77
C ALA A 204 1.63 -17.38 -6.45
N VAL A 205 1.66 -16.73 -7.62
CA VAL A 205 0.47 -16.33 -8.34
C VAL A 205 0.39 -16.82 -9.78
N THR A 206 1.44 -17.51 -10.23
CA THR A 206 1.48 -18.07 -11.58
C THR A 206 2.44 -19.22 -11.55
N THR A 207 2.29 -20.12 -12.56
CA THR A 207 3.26 -21.19 -12.71
C THR A 207 4.48 -20.79 -13.53
N HIS A 208 4.46 -19.64 -14.23
CA HIS A 208 5.61 -19.34 -15.09
C HIS A 208 6.78 -18.76 -14.30
N ASN A 209 7.99 -18.99 -14.81
CA ASN A 209 9.24 -18.60 -14.15
C ASN A 209 10.00 -17.52 -14.91
N ASP A 210 9.35 -16.81 -15.83
CA ASP A 210 10.05 -15.77 -16.59
C ASP A 210 10.04 -14.45 -15.82
N TRP A 211 10.91 -14.41 -14.82
CA TRP A 211 11.05 -13.29 -13.89
C TRP A 211 12.52 -13.09 -13.61
N GLN A 212 12.92 -11.80 -13.55
CA GLN A 212 14.30 -11.52 -13.16
C GLN A 212 14.64 -12.07 -11.78
N SER A 213 13.70 -11.95 -10.82
CA SER A 213 13.98 -12.50 -9.51
C SER A 213 14.21 -14.01 -9.51
N TYR A 214 13.56 -14.72 -10.42
CA TYR A 214 13.77 -16.15 -10.52
C TYR A 214 15.20 -16.45 -11.03
N ARG A 215 15.61 -15.70 -12.05
CA ARG A 215 16.95 -15.82 -12.61
C ARG A 215 17.98 -15.49 -11.55
N ASP A 216 17.71 -14.46 -10.73
CA ASP A 216 18.69 -13.95 -9.78
C ASP A 216 18.75 -14.81 -8.53
N PHE A 217 17.61 -15.33 -8.02
CA PHE A 217 17.56 -15.92 -6.68
C PHE A 217 17.12 -17.38 -6.66
N GLY A 218 17.08 -18.03 -7.82
CA GLY A 218 16.63 -19.43 -7.90
C GLY A 218 17.65 -20.45 -7.38
N GLU A 219 18.84 -19.99 -6.98
CA GLU A 219 19.78 -20.82 -6.24
C GLU A 219 20.27 -20.10 -4.97
N GLY A 220 20.59 -20.86 -3.94
CA GLY A 220 21.27 -20.39 -2.75
C GLY A 220 20.42 -19.58 -1.77
N HIS A 221 19.09 -19.54 -1.99
CA HIS A 221 18.22 -18.74 -1.14
C HIS A 221 17.01 -19.53 -0.69
N LEU A 222 17.21 -20.81 -0.34
CA LEU A 222 16.28 -21.67 0.40
C LEU A 222 15.20 -22.24 -0.54
N LEU A 223 14.38 -21.38 -1.18
CA LEU A 223 13.48 -21.82 -2.22
C LEU A 223 14.26 -21.81 -3.53
N THR A 224 14.55 -23.01 -4.03
CA THR A 224 15.40 -23.13 -5.19
C THR A 224 14.63 -23.63 -6.39
N GLU A 225 15.22 -23.53 -7.59
CA GLU A 225 14.66 -24.10 -8.81
C GLU A 225 14.31 -25.57 -8.58
N GLY A 226 15.22 -26.31 -7.96
CA GLY A 226 15.08 -27.73 -7.67
C GLY A 226 13.86 -28.02 -6.79
N SER A 227 13.70 -27.24 -5.73
CA SER A 227 12.61 -27.50 -4.81
CA SER A 227 12.61 -27.47 -4.80
C SER A 227 11.30 -27.12 -5.49
N MET A 228 11.29 -26.01 -6.24
CA MET A 228 10.08 -25.55 -6.92
C MET A 228 9.62 -26.60 -7.95
N THR A 229 10.57 -27.20 -8.68
CA THR A 229 10.21 -28.26 -9.62
C THR A 229 9.58 -29.46 -8.89
N TRP A 230 10.19 -29.84 -7.78
CA TRP A 230 9.76 -30.99 -6.99
C TRP A 230 8.34 -30.79 -6.45
N PHE A 231 8.10 -29.60 -5.86
CA PHE A 231 6.76 -29.30 -5.38
C PHE A 231 5.76 -29.35 -6.53
N GLY A 232 6.07 -28.64 -7.63
CA GLY A 232 5.14 -28.49 -8.70
C GLY A 232 4.79 -29.82 -9.38
N ASN A 233 5.79 -30.72 -9.45
CA ASN A 233 5.54 -32.04 -10.03
C ASN A 233 4.57 -32.82 -9.17
N HIS A 234 4.72 -32.76 -7.83
CA HIS A 234 3.77 -33.45 -6.97
C HIS A 234 2.36 -32.85 -6.97
N TYR A 235 2.26 -31.50 -6.99
CA TYR A 235 0.97 -30.83 -6.94
C TYR A 235 0.15 -31.02 -8.21
N ALA A 236 0.85 -31.02 -9.36
CA ALA A 236 0.22 -31.22 -10.65
C ALA A 236 -0.93 -30.26 -10.89
N ALA A 237 -0.66 -28.96 -10.67
CA ALA A 237 -1.67 -27.94 -10.90
C ALA A 237 -1.95 -27.79 -12.39
N ASP A 238 -3.16 -27.37 -12.65
CA ASP A 238 -3.59 -26.95 -13.97
C ASP A 238 -3.19 -25.49 -14.15
N PRO A 239 -2.21 -25.17 -14.98
CA PRO A 239 -1.74 -23.79 -15.07
C PRO A 239 -2.71 -22.78 -15.66
N ALA A 240 -3.81 -23.25 -16.27
CA ALA A 240 -4.83 -22.43 -16.86
C ALA A 240 -6.01 -22.19 -15.91
N ASP A 241 -5.97 -22.79 -14.71
CA ASP A 241 -7.07 -22.66 -13.77
C ASP A 241 -6.77 -21.48 -12.85
N ARG A 242 -7.77 -20.66 -12.60
CA ARG A 242 -7.61 -19.52 -11.68
C ARG A 242 -7.16 -19.98 -10.30
N ARG A 243 -7.48 -21.21 -9.91
CA ARG A 243 -7.10 -21.69 -8.58
C ARG A 243 -5.64 -22.03 -8.49
N ALA A 244 -4.92 -21.98 -9.61
CA ALA A 244 -3.47 -22.11 -9.65
C ALA A 244 -2.83 -20.78 -9.98
N ALA A 245 -3.33 -20.07 -10.98
CA ALA A 245 -2.66 -18.90 -11.53
C ALA A 245 -3.58 -17.71 -11.53
N PRO A 246 -3.81 -17.13 -10.33
CA PRO A 246 -4.73 -16.01 -10.25
C PRO A 246 -4.32 -14.72 -10.94
N ILE A 247 -3.03 -14.53 -11.23
CA ILE A 247 -2.63 -13.33 -11.93
C ILE A 247 -3.23 -13.24 -13.34
N ASP A 248 -3.68 -14.39 -13.88
CA ASP A 248 -4.23 -14.39 -15.23
C ASP A 248 -5.73 -14.09 -15.27
N PHE A 249 -6.30 -13.63 -14.16
CA PHE A 249 -7.74 -13.48 -14.06
C PHE A 249 -8.04 -12.15 -13.38
N PRO A 250 -9.20 -11.53 -13.64
CA PRO A 250 -9.46 -10.18 -13.14
C PRO A 250 -9.43 -10.09 -11.62
N ALA A 251 -8.82 -9.03 -11.10
CA ALA A 251 -8.69 -8.79 -9.66
C ALA A 251 -9.70 -7.78 -9.14
N ASP A 252 -10.56 -7.20 -10.01
CA ASP A 252 -11.49 -6.18 -9.56
C ASP A 252 -12.39 -6.74 -8.47
N GLY A 253 -12.66 -5.90 -7.47
CA GLY A 253 -13.60 -6.23 -6.43
C GLY A 253 -13.02 -7.07 -5.30
N LEU A 254 -11.72 -7.36 -5.30
CA LEU A 254 -11.13 -8.04 -4.17
C LEU A 254 -11.06 -7.10 -2.99
N PRO A 255 -10.95 -7.65 -1.78
CA PRO A 255 -10.83 -6.82 -0.57
C PRO A 255 -9.50 -6.09 -0.51
N PRO A 256 -9.40 -5.10 0.38
CA PRO A 256 -8.12 -4.47 0.71
C PRO A 256 -7.07 -5.55 1.00
N THR A 257 -5.88 -5.34 0.42
CA THR A 257 -4.83 -6.34 0.41
C THR A 257 -3.56 -5.78 1.01
N LEU A 258 -2.91 -6.54 1.87
CA LEU A 258 -1.54 -6.31 2.31
C LEU A 258 -0.72 -7.44 1.68
N LEU A 259 0.15 -7.12 0.72
CA LEU A 259 0.97 -8.14 0.08
C LEU A 259 2.43 -7.86 0.41
N ILE A 260 3.13 -8.86 0.94
CA ILE A 260 4.54 -8.71 1.30
C ILE A 260 5.36 -9.71 0.51
N THR A 261 6.51 -9.25 0.06
CA THR A 261 7.49 -10.10 -0.62
C THR A 261 8.77 -10.06 0.19
N ALA A 262 9.67 -10.96 -0.14
CA ALA A 262 11.05 -10.92 0.33
C ALA A 262 11.95 -10.56 -0.83
N SER A 263 12.97 -9.69 -0.59
CA SER A 263 13.71 -9.13 -1.69
C SER A 263 14.63 -10.16 -2.37
N LEU A 264 14.98 -11.24 -1.67
CA LEU A 264 15.92 -12.23 -2.25
C LEU A 264 15.16 -13.51 -2.64
N ASP A 265 13.89 -13.39 -2.98
CA ASP A 265 13.00 -14.51 -3.18
C ASP A 265 12.80 -14.65 -4.69
N PRO A 266 12.93 -15.84 -5.29
CA PRO A 266 12.53 -16.02 -6.69
C PRO A 266 11.11 -15.56 -7.02
N LEU A 267 10.19 -15.64 -6.03
CA LEU A 267 8.80 -15.26 -6.26
C LEU A 267 8.57 -13.76 -6.09
N ARG A 268 9.63 -12.99 -5.81
CA ARG A 268 9.44 -11.57 -5.50
C ARG A 268 8.72 -10.86 -6.65
N ASP A 269 9.17 -11.06 -7.89
CA ASP A 269 8.67 -10.22 -8.96
C ASP A 269 7.21 -10.53 -9.29
N GLN A 270 6.80 -11.78 -9.16
CA GLN A 270 5.39 -12.08 -9.41
C GLN A 270 4.50 -11.49 -8.30
N GLY A 271 5.03 -11.43 -7.08
CA GLY A 271 4.29 -10.75 -6.03
C GLY A 271 4.13 -9.26 -6.27
N ARG A 272 5.22 -8.60 -6.71
CA ARG A 272 5.13 -7.23 -7.13
C ARG A 272 4.08 -7.08 -8.24
N ALA A 273 4.12 -7.99 -9.21
CA ALA A 273 3.19 -7.93 -10.32
C ALA A 273 1.75 -8.08 -9.89
N TYR A 274 1.49 -8.96 -8.94
CA TYR A 274 0.12 -9.11 -8.50
C TYR A 274 -0.35 -7.85 -7.75
N ALA A 275 0.54 -7.29 -6.91
CA ALA A 275 0.16 -6.08 -6.19
C ALA A 275 -0.13 -4.94 -7.17
N ALA A 276 0.68 -4.83 -8.21
CA ALA A 276 0.49 -3.82 -9.25
C ALA A 276 -0.85 -4.05 -9.95
N LYS A 277 -1.21 -5.31 -10.21
CA LYS A 277 -2.48 -5.66 -10.84
C LYS A 277 -3.68 -5.26 -9.97
N LEU A 278 -3.57 -5.49 -8.67
CA LEU A 278 -4.61 -5.08 -7.75
C LEU A 278 -4.85 -3.57 -7.87
N ILE A 279 -3.78 -2.80 -7.82
CA ILE A 279 -3.90 -1.34 -7.86
C ILE A 279 -4.53 -0.92 -9.20
N GLU A 280 -4.13 -1.55 -10.29
CA GLU A 280 -4.69 -1.20 -11.59
CA GLU A 280 -4.68 -1.19 -11.60
C GLU A 280 -6.16 -1.53 -11.68
N ALA A 281 -6.65 -2.45 -10.83
CA ALA A 281 -8.07 -2.76 -10.73
C ALA A 281 -8.79 -1.96 -9.65
N GLY A 282 -8.13 -1.02 -9.00
CA GLY A 282 -8.77 -0.18 -8.02
C GLY A 282 -8.87 -0.78 -6.62
N VAL A 283 -8.15 -1.87 -6.38
CA VAL A 283 -8.20 -2.47 -5.05
C VAL A 283 -7.23 -1.76 -4.13
N PRO A 284 -7.64 -1.31 -2.95
CA PRO A 284 -6.70 -0.69 -2.03
C PRO A 284 -5.66 -1.67 -1.54
N THR A 285 -4.42 -1.34 -1.74
CA THR A 285 -3.31 -2.28 -1.69
C THR A 285 -2.17 -1.67 -0.93
N THR A 286 -1.62 -2.39 0.05
CA THR A 286 -0.39 -2.01 0.74
C THR A 286 0.65 -3.04 0.35
N TYR A 287 1.74 -2.60 -0.22
CA TYR A 287 2.85 -3.43 -0.67
C TYR A 287 4.04 -3.20 0.24
N ARG A 288 4.51 -4.29 0.84
CA ARG A 288 5.72 -4.28 1.67
C ARG A 288 6.72 -5.24 1.03
N GLU A 289 8.01 -4.91 1.18
CA GLU A 289 9.07 -5.78 0.67
C GLU A 289 10.09 -5.89 1.78
N ALA A 290 10.28 -7.11 2.29
CA ALA A 290 11.24 -7.37 3.35
C ALA A 290 12.63 -7.35 2.72
N LYS A 291 13.33 -6.23 2.87
CA LYS A 291 14.56 -5.99 2.14
CA LYS A 291 14.56 -5.95 2.14
C LYS A 291 15.73 -6.70 2.82
N GLY A 292 16.38 -7.53 2.01
CA GLY A 292 17.57 -8.27 2.40
C GLY A 292 17.29 -9.58 3.07
N THR A 293 16.06 -10.11 2.96
CA THR A 293 15.73 -11.41 3.49
C THR A 293 15.11 -12.32 2.43
N ILE A 294 14.82 -13.54 2.84
CA ILE A 294 14.54 -14.65 1.93
C ILE A 294 13.10 -15.15 2.07
N HIS A 295 12.69 -15.94 1.08
CA HIS A 295 11.46 -16.71 1.15
C HIS A 295 11.48 -17.58 2.40
N GLY A 296 10.33 -17.68 3.08
CA GLY A 296 10.19 -18.56 4.22
C GLY A 296 10.44 -17.97 5.60
N TYR A 297 10.73 -16.67 5.66
CA TYR A 297 11.16 -16.08 6.89
C TYR A 297 10.13 -16.19 8.00
N ILE A 298 8.82 -16.33 7.72
CA ILE A 298 7.88 -16.25 8.84
C ILE A 298 8.00 -17.43 9.77
N CYS A 299 8.67 -18.52 9.35
CA CYS A 299 8.90 -19.66 10.21
CA CYS A 299 8.90 -19.65 10.25
C CYS A 299 10.38 -19.82 10.54
N LEU A 300 11.14 -18.77 10.41
CA LEU A 300 12.59 -18.81 10.68
C LEU A 300 13.00 -17.76 11.71
N ALA A 301 12.13 -17.42 12.67
CA ALA A 301 12.34 -16.26 13.51
C ALA A 301 13.39 -16.44 14.59
N GLN A 302 13.84 -17.67 14.82
CA GLN A 302 14.97 -17.88 15.73
C GLN A 302 16.27 -17.90 14.92
N GLY A 303 16.31 -18.58 13.78
CA GLY A 303 17.45 -18.63 12.89
C GLY A 303 17.82 -17.29 12.28
N ILE A 304 16.77 -16.49 11.94
CA ILE A 304 16.91 -15.15 11.39
C ILE A 304 16.19 -14.19 12.31
N PRO A 305 16.82 -13.63 13.36
CA PRO A 305 16.11 -12.81 14.32
C PRO A 305 15.37 -11.60 13.73
N SER A 306 15.88 -11.05 12.63
CA SER A 306 15.24 -9.91 12.00
C SER A 306 13.84 -10.27 11.49
N ALA A 307 13.55 -11.56 11.28
CA ALA A 307 12.23 -11.97 10.84
C ALA A 307 11.18 -11.51 11.84
N LYS A 308 11.53 -11.42 13.12
CA LYS A 308 10.54 -11.01 14.10
C LYS A 308 10.00 -9.60 13.76
N ASP A 309 10.87 -8.73 13.26
CA ASP A 309 10.48 -7.37 12.88
C ASP A 309 9.67 -7.39 11.58
N ASP A 310 10.01 -8.27 10.64
CA ASP A 310 9.21 -8.38 9.43
C ASP A 310 7.77 -8.82 9.78
N ILE A 311 7.66 -9.80 10.66
CA ILE A 311 6.37 -10.30 11.10
C ILE A 311 5.59 -9.19 11.81
N ARG A 312 6.19 -8.59 12.86
CA ARG A 312 5.49 -7.57 13.61
C ARG A 312 5.13 -6.36 12.74
N GLY A 313 6.02 -5.96 11.84
CA GLY A 313 5.77 -4.84 10.99
C GLY A 313 4.53 -5.02 10.13
N ALA A 314 4.48 -6.17 9.49
CA ALA A 314 3.36 -6.47 8.60
C ALA A 314 2.07 -6.60 9.39
N LEU A 315 2.09 -7.33 10.50
CA LEU A 315 0.85 -7.52 11.25
C LEU A 315 0.33 -6.25 11.91
N THR A 316 1.21 -5.32 12.24
CA THR A 316 0.77 -4.03 12.75
C THR A 316 -0.02 -3.28 11.67
N VAL A 317 0.48 -3.30 10.43
CA VAL A 317 -0.20 -2.67 9.31
C VAL A 317 -1.50 -3.37 8.98
N LEU A 318 -1.51 -4.72 9.04
CA LEU A 318 -2.77 -5.45 8.82
C LEU A 318 -3.81 -5.13 9.89
N LYS A 319 -3.39 -5.02 11.15
CA LYS A 319 -4.34 -4.71 12.20
C LYS A 319 -5.01 -3.37 11.90
N ALA A 320 -4.26 -2.40 11.40
CA ALA A 320 -4.78 -1.09 11.07
C ALA A 320 -5.72 -1.18 9.87
N ILE A 321 -5.41 -1.97 8.85
CA ILE A 321 -6.32 -2.11 7.73
C ILE A 321 -7.65 -2.66 8.23
N VAL A 322 -7.59 -3.65 9.10
CA VAL A 322 -8.81 -4.28 9.58
C VAL A 322 -9.57 -3.28 10.46
N ALA A 323 -8.89 -2.48 11.24
CA ALA A 323 -9.58 -1.51 12.11
C ALA A 323 -10.28 -0.47 11.27
N GLU A 324 -9.70 -0.08 10.16
CA GLU A 324 -10.33 0.93 9.31
C GLU A 324 -11.57 0.31 8.72
N ALA A 325 -11.54 -0.95 8.31
CA ALA A 325 -12.69 -1.61 7.75
C ALA A 325 -13.78 -1.69 8.80
N THR A 326 -13.44 -2.05 10.04
CA THR A 326 -14.50 -2.30 11.00
C THR A 326 -15.02 -0.97 11.55
N GLY A 327 -14.25 0.10 11.44
CA GLY A 327 -14.72 1.42 11.87
C GLY A 327 -15.59 2.14 10.84
N ALA A 328 -15.63 1.68 9.58
CA ALA A 328 -16.31 2.42 8.52
C ALA A 328 -17.82 2.12 8.54
N THR B 20 -23.71 2.78 -14.21
CA THR B 20 -23.32 4.14 -13.72
C THR B 20 -22.02 4.01 -12.92
N HIS B 21 -21.49 5.14 -12.44
CA HIS B 21 -20.32 5.07 -11.58
C HIS B 21 -20.65 5.41 -10.13
N TYR B 22 -20.12 4.61 -9.23
CA TYR B 22 -20.40 4.74 -7.82
C TYR B 22 -20.03 6.13 -7.33
N THR B 23 -21.01 6.84 -6.79
CA THR B 23 -20.86 8.20 -6.32
C THR B 23 -21.45 8.27 -4.91
N ARG B 24 -20.74 8.80 -3.92
CA ARG B 24 -21.27 8.98 -2.59
C ARG B 24 -22.45 9.95 -2.63
N PRO B 25 -23.51 9.75 -1.86
CA PRO B 25 -24.62 10.72 -1.87
C PRO B 25 -24.18 12.15 -1.60
N ASP B 26 -23.25 12.38 -0.64
CA ASP B 26 -22.86 13.75 -0.36
C ASP B 26 -22.06 14.36 -1.49
N VAL B 27 -21.32 13.56 -2.22
CA VAL B 27 -20.60 14.02 -3.40
C VAL B 27 -21.59 14.40 -4.50
N ALA B 28 -22.58 13.56 -4.74
CA ALA B 28 -23.58 13.89 -5.74
C ALA B 28 -24.33 15.18 -5.41
N ALA B 29 -24.63 15.38 -4.14
CA ALA B 29 -25.28 16.61 -3.65
C ALA B 29 -24.42 17.80 -4.01
N PHE B 30 -23.11 17.69 -3.70
CA PHE B 30 -22.21 18.80 -3.98
C PHE B 30 -22.09 19.07 -5.48
N LEU B 31 -21.97 18.05 -6.33
CA LEU B 31 -21.90 18.25 -7.76
C LEU B 31 -23.17 18.93 -8.26
N ALA B 32 -24.33 18.56 -7.69
CA ALA B 32 -25.56 19.18 -8.17
C ALA B 32 -25.56 20.66 -7.82
N PHE B 33 -25.08 21.00 -6.62
CA PHE B 33 -24.93 22.39 -6.23
C PHE B 33 -23.97 23.11 -7.20
N LEU B 34 -22.80 22.52 -7.51
CA LEU B 34 -21.80 23.10 -8.43
C LEU B 34 -22.46 23.40 -9.79
N ASN B 35 -23.18 22.41 -10.32
CA ASN B 35 -23.80 22.46 -11.63
C ASN B 35 -24.79 23.60 -11.74
N ALA B 36 -25.43 23.97 -10.65
CA ALA B 36 -26.49 24.97 -10.66
C ALA B 36 -25.89 26.37 -10.59
N GLN B 37 -24.57 26.51 -10.44
CA GLN B 37 -24.00 27.82 -10.21
C GLN B 37 -23.84 28.52 -11.55
N GLU B 38 -24.15 29.82 -11.52
CA GLU B 38 -24.12 30.67 -12.70
C GLU B 38 -22.78 31.40 -12.70
N GLY B 39 -22.40 31.90 -13.86
CA GLY B 39 -21.17 32.66 -13.96
C GLY B 39 -20.18 31.90 -14.83
N PRO B 40 -19.08 32.56 -15.23
CA PRO B 40 -18.16 31.96 -16.21
C PRO B 40 -17.45 30.75 -15.59
N LYS B 41 -17.08 29.82 -16.47
CA LYS B 41 -16.18 28.73 -16.12
C LYS B 41 -14.79 29.32 -15.85
N MET B 42 -14.00 28.61 -15.04
CA MET B 42 -12.63 29.05 -14.74
C MET B 42 -11.86 29.33 -16.04
N GLU B 43 -12.01 28.45 -17.02
CA GLU B 43 -11.25 28.53 -18.25
C GLU B 43 -11.69 29.70 -19.14
N GLU B 44 -12.74 30.40 -18.74
CA GLU B 44 -13.14 31.61 -19.47
C GLU B 44 -12.61 32.87 -18.80
N MET B 45 -11.74 32.70 -17.80
CA MET B 45 -11.27 33.79 -16.96
C MET B 45 -9.79 34.01 -17.18
N PRO B 46 -9.30 35.25 -16.92
CA PRO B 46 -7.88 35.51 -16.78
C PRO B 46 -7.40 34.80 -15.52
N PRO B 47 -6.08 34.57 -15.39
CA PRO B 47 -5.58 33.93 -14.17
C PRO B 47 -6.01 34.60 -12.87
N ALA B 48 -5.98 35.93 -12.81
CA ALA B 48 -6.33 36.57 -11.54
C ALA B 48 -7.76 36.24 -11.13
N GLY B 49 -8.69 36.15 -12.08
CA GLY B 49 -10.05 35.79 -11.75
C GLY B 49 -10.18 34.34 -11.27
N ALA B 50 -9.47 33.45 -11.96
CA ALA B 50 -9.45 32.04 -11.58
C ALA B 50 -8.91 31.89 -10.15
N ARG B 51 -7.88 32.67 -9.81
CA ARG B 51 -7.30 32.63 -8.49
C ARG B 51 -8.30 33.02 -7.43
N GLU B 52 -9.07 34.08 -7.73
CA GLU B 52 -10.09 34.55 -6.82
C GLU B 52 -11.20 33.50 -6.68
N MET B 53 -11.55 32.83 -7.78
CA MET B 53 -12.60 31.83 -7.76
C MET B 53 -12.22 30.71 -6.78
N MET B 54 -10.95 30.29 -6.81
CA MET B 54 -10.56 29.19 -5.95
CA MET B 54 -10.47 29.23 -5.94
C MET B 54 -10.59 29.65 -4.49
N ARG B 55 -10.17 30.89 -4.19
CA ARG B 55 -10.19 31.38 -2.83
C ARG B 55 -11.63 31.40 -2.33
N VAL B 56 -12.56 31.90 -3.16
CA VAL B 56 -13.96 31.96 -2.75
C VAL B 56 -14.52 30.56 -2.54
N MET B 57 -14.18 29.62 -3.41
N MET B 57 -14.20 29.63 -3.44
CA MET B 57 -14.66 28.27 -3.27
CA MET B 57 -14.64 28.25 -3.29
C MET B 57 -14.21 27.68 -1.93
C MET B 57 -14.21 27.70 -1.94
N GLY B 58 -12.97 27.95 -1.52
CA GLY B 58 -12.50 27.42 -0.24
C GLY B 58 -13.22 28.05 0.93
N GLN B 59 -13.45 29.36 0.83
CA GLN B 59 -14.19 30.04 1.88
C GLN B 59 -15.59 29.42 2.05
N LEU B 60 -16.21 29.00 0.97
CA LEU B 60 -17.58 28.51 1.05
C LEU B 60 -17.63 27.01 1.32
N ALA B 61 -16.70 26.24 0.75
CA ALA B 61 -16.83 24.78 0.71
C ALA B 61 -15.74 24.07 1.51
N ASP B 62 -14.78 24.76 2.12
CA ASP B 62 -13.84 24.10 3.00
C ASP B 62 -14.15 24.44 4.45
N VAL B 63 -13.61 23.64 5.36
CA VAL B 63 -13.68 23.89 6.78
C VAL B 63 -12.74 25.04 7.13
N PRO B 64 -12.90 25.63 8.34
CA PRO B 64 -11.95 26.63 8.79
C PRO B 64 -10.62 26.03 9.21
N ARG B 65 -9.64 26.90 9.43
CA ARG B 65 -8.33 26.46 9.92
C ARG B 65 -8.46 25.66 11.21
N GLY B 66 -9.32 26.16 12.11
CA GLY B 66 -9.46 25.56 13.43
C GLY B 66 -8.34 25.94 14.38
N GLU B 67 -8.37 25.33 15.56
CA GLU B 67 -7.38 25.67 16.57
C GLU B 67 -6.06 24.99 16.26
N ILE B 68 -4.98 25.77 16.31
CA ILE B 68 -3.64 25.26 16.15
C ILE B 68 -2.67 26.15 16.93
N ALA B 69 -1.66 25.55 17.55
CA ALA B 69 -0.77 26.28 18.46
C ALA B 69 0.03 27.37 17.76
N LYS B 70 0.58 27.11 16.58
CA LYS B 70 1.52 28.01 15.93
C LYS B 70 1.32 27.98 14.42
N VAL B 71 1.16 29.15 13.82
CA VAL B 71 1.25 29.36 12.39
C VAL B 71 2.09 30.59 12.15
N GLU B 72 3.14 30.44 11.36
CA GLU B 72 4.08 31.54 11.12
C GLU B 72 4.37 31.66 9.63
N ASP B 73 4.58 32.88 9.14
CA ASP B 73 4.88 33.17 7.75
C ASP B 73 6.29 33.77 7.68
N ARG B 74 7.08 33.41 6.65
CA ARG B 74 8.29 34.15 6.36
C ARG B 74 8.60 33.94 4.89
N MET B 75 9.54 34.76 4.41
CA MET B 75 10.14 34.59 3.11
C MET B 75 11.47 33.88 3.26
N ILE B 76 11.76 33.01 2.27
CA ILE B 76 13.07 32.38 2.16
C ILE B 76 13.66 32.71 0.79
N PRO B 77 15.01 32.65 0.66
CA PRO B 77 15.67 32.97 -0.61
C PRO B 77 15.61 31.84 -1.63
N GLY B 78 14.85 32.08 -2.65
CA GLY B 78 14.76 31.15 -3.75
C GLY B 78 15.60 31.60 -4.93
N PRO B 79 15.72 30.75 -5.95
CA PRO B 79 16.52 31.10 -7.12
C PRO B 79 16.11 32.37 -7.82
N ASP B 80 14.83 32.73 -7.83
CA ASP B 80 14.31 33.86 -8.57
C ASP B 80 13.93 35.00 -7.65
N GLY B 81 14.09 34.85 -6.37
CA GLY B 81 13.59 35.85 -5.45
C GLY B 81 13.01 35.18 -4.22
N ASP B 82 12.29 35.93 -3.42
CA ASP B 82 11.71 35.41 -2.20
C ASP B 82 10.64 34.35 -2.51
N ILE B 83 10.67 33.25 -1.77
CA ILE B 83 9.59 32.26 -1.77
C ILE B 83 8.88 32.40 -0.42
N PRO B 84 7.58 32.70 -0.42
CA PRO B 84 6.84 32.70 0.83
C PRO B 84 6.57 31.26 1.28
N ILE B 85 6.72 31.05 2.58
CA ILE B 85 6.41 29.77 3.18
C ILE B 85 5.61 30.01 4.45
N ARG B 86 4.88 28.98 4.88
CA ARG B 86 4.06 29.05 6.06
C ARG B 86 4.31 27.78 6.86
N LEU B 87 4.60 27.94 8.15
CA LEU B 87 4.85 26.88 9.10
C LEU B 87 3.64 26.72 9.99
N TYR B 88 3.15 25.48 10.09
CA TYR B 88 2.07 25.08 10.96
C TYR B 88 2.58 24.05 11.98
N ASP B 89 2.31 24.27 13.28
CA ASP B 89 2.79 23.31 14.25
C ASP B 89 1.85 23.34 15.45
N ASN B 90 1.30 22.19 15.81
CA ASN B 90 0.41 22.12 16.95
C ASN B 90 1.17 21.73 18.23
N ARG B 91 2.51 21.60 18.18
CA ARG B 91 3.30 21.23 19.36
C ARG B 91 4.68 21.87 19.24
N PRO B 92 4.75 23.20 19.31
CA PRO B 92 5.97 23.92 18.95
C PRO B 92 7.14 23.68 19.89
N ASP B 93 6.87 23.15 21.09
CA ASP B 93 7.98 22.86 22.00
C ASP B 93 8.57 21.48 21.74
N ARG B 94 8.19 20.83 20.63
CA ARG B 94 8.68 19.50 20.32
C ARG B 94 10.19 19.43 20.20
N GLU B 95 10.70 18.21 20.37
CA GLU B 95 12.05 17.88 19.97
C GLU B 95 12.10 17.75 18.45
N ALA B 96 13.28 17.97 17.86
CA ALA B 96 13.48 17.78 16.44
C ALA B 96 12.97 16.39 16.02
N GLY B 97 12.17 16.38 14.95
CA GLY B 97 11.70 15.15 14.37
C GLY B 97 11.44 15.39 12.89
N PRO B 98 10.61 14.56 12.26
CA PRO B 98 10.24 14.78 10.87
C PRO B 98 9.54 16.12 10.68
N VAL B 99 9.66 16.64 9.45
CA VAL B 99 8.91 17.81 9.04
CA VAL B 99 8.82 17.77 9.07
C VAL B 99 8.25 17.49 7.69
N MET B 100 7.00 17.92 7.52
CA MET B 100 6.33 17.80 6.23
C MET B 100 6.57 19.09 5.43
N VAL B 101 6.89 18.92 4.17
CA VAL B 101 6.91 20.00 3.21
C VAL B 101 5.76 19.77 2.23
N PHE B 102 4.89 20.75 2.07
CA PHE B 102 3.65 20.60 1.35
C PHE B 102 3.64 21.56 0.17
N TYR B 103 3.23 21.05 -0.98
CA TYR B 103 3.08 21.79 -2.22
C TYR B 103 1.62 21.78 -2.62
N HIS B 104 0.96 22.96 -2.61
CA HIS B 104 -0.46 22.99 -2.95
C HIS B 104 -0.69 22.69 -4.42
N GLY B 105 -1.93 22.31 -4.73
CA GLY B 105 -2.38 22.16 -6.10
C GLY B 105 -3.05 23.42 -6.62
N GLY B 106 -3.61 23.29 -7.81
CA GLY B 106 -4.08 24.47 -8.54
C GLY B 106 -3.61 24.50 -9.98
N GLY B 107 -3.30 23.38 -10.59
CA GLY B 107 -2.97 23.32 -12.00
C GLY B 107 -1.75 24.15 -12.39
N TRP B 108 -0.86 24.42 -11.43
CA TRP B 108 0.36 25.21 -11.63
C TRP B 108 0.02 26.67 -11.97
N VAL B 109 -1.24 27.07 -11.80
CA VAL B 109 -1.65 28.44 -12.13
C VAL B 109 -2.28 29.12 -10.92
N ILE B 110 -3.10 28.41 -10.16
CA ILE B 110 -3.84 28.98 -9.05
C ILE B 110 -3.49 28.26 -7.75
N GLY B 111 -4.10 28.71 -6.66
CA GLY B 111 -3.81 28.24 -5.33
C GLY B 111 -2.74 29.06 -4.69
N ASP B 112 -2.69 29.01 -3.35
CA ASP B 112 -1.74 29.80 -2.59
C ASP B 112 -1.70 29.28 -1.16
N LEU B 113 -1.14 30.04 -0.21
CA LEU B 113 -1.07 29.61 1.15
C LEU B 113 -2.44 29.63 1.81
N GLU B 114 -3.41 30.43 1.32
CA GLU B 114 -4.72 30.43 1.94
C GLU B 114 -5.63 29.32 1.43
N THR B 115 -5.55 28.95 0.16
CA THR B 115 -6.44 27.95 -0.42
C THR B 115 -6.32 26.62 0.29
N HIS B 116 -5.13 26.30 0.78
CA HIS B 116 -4.88 25.00 1.35
C HIS B 116 -4.57 25.06 2.83
N ASP B 117 -4.86 26.22 3.42
CA ASP B 117 -4.58 26.44 4.84
C ASP B 117 -5.35 25.48 5.75
N PRO B 118 -6.68 25.26 5.56
CA PRO B 118 -7.38 24.33 6.44
C PRO B 118 -6.77 22.94 6.42
N TYR B 119 -6.40 22.44 5.23
CA TYR B 119 -5.83 21.12 5.13
C TYR B 119 -4.49 21.06 5.86
N CYS B 120 -3.64 22.06 5.65
CA CYS B 120 -2.32 22.04 6.26
C CYS B 120 -2.40 22.06 7.80
N ALA B 121 -3.37 22.82 8.34
CA ALA B 121 -3.53 22.84 9.78
C ALA B 121 -4.01 21.49 10.28
N GLU B 122 -4.95 20.87 9.56
CA GLU B 122 -5.42 19.55 9.95
C GLU B 122 -4.32 18.52 9.88
N ALA B 123 -3.50 18.57 8.82
CA ALA B 123 -2.35 17.69 8.70
C ALA B 123 -1.39 17.84 9.88
N ALA B 124 -1.09 19.09 10.26
CA ALA B 124 -0.21 19.31 11.40
C ALA B 124 -0.82 18.66 12.66
N ARG B 125 -2.10 18.88 12.87
CA ARG B 125 -2.76 18.32 14.07
C ARG B 125 -2.71 16.80 14.08
N ILE B 126 -3.06 16.14 12.96
CA ILE B 126 -3.16 14.70 12.97
C ILE B 126 -1.78 14.07 12.98
N LEU B 127 -0.86 14.58 12.15
CA LEU B 127 0.46 13.98 12.04
C LEU B 127 1.34 14.22 13.28
N ASP B 128 1.08 15.34 14.02
CA ASP B 128 1.94 15.76 15.11
C ASP B 128 3.37 15.94 14.62
N MET B 129 3.47 16.62 13.47
CA MET B 129 4.76 17.10 12.98
C MET B 129 4.50 18.52 12.46
N PRO B 130 5.53 19.37 12.37
CA PRO B 130 5.38 20.62 11.64
C PRO B 130 5.12 20.38 10.16
N VAL B 131 4.30 21.29 9.60
CA VAL B 131 3.98 21.31 8.17
C VAL B 131 4.41 22.65 7.60
N ILE B 132 5.23 22.63 6.54
CA ILE B 132 5.67 23.86 5.90
C ILE B 132 5.13 23.86 4.49
N ALA B 133 4.25 24.81 4.22
CA ALA B 133 3.62 24.96 2.92
C ALA B 133 4.43 25.95 2.09
N ILE B 134 4.63 25.65 0.80
CA ILE B 134 5.44 26.45 -0.10
C ILE B 134 4.58 27.21 -1.08
N ASP B 135 4.80 28.53 -1.20
CA ASP B 135 4.11 29.34 -2.20
C ASP B 135 5.02 29.49 -3.43
N TYR B 136 5.09 28.46 -4.25
CA TYR B 136 5.97 28.40 -5.42
C TYR B 136 5.43 29.27 -6.56
N ARG B 137 6.33 29.61 -7.49
CA ARG B 137 6.00 30.42 -8.64
C ARG B 137 4.94 29.75 -9.51
N LEU B 138 3.97 30.55 -9.97
CA LEU B 138 2.86 30.11 -10.78
C LEU B 138 2.94 30.63 -12.21
N ALA B 139 2.39 29.81 -13.09
CA ALA B 139 2.18 30.11 -14.49
C ALA B 139 0.89 30.91 -14.61
N PRO B 140 0.67 31.68 -15.72
CA PRO B 140 1.62 31.85 -16.81
C PRO B 140 2.74 32.86 -16.62
N GLU B 141 2.71 33.60 -15.51
CA GLU B 141 3.79 34.56 -15.26
C GLU B 141 5.15 33.85 -15.21
N HIS B 142 5.16 32.64 -14.61
CA HIS B 142 6.36 31.85 -14.44
C HIS B 142 6.03 30.45 -14.95
N PRO B 143 6.20 30.17 -16.24
CA PRO B 143 5.90 28.86 -16.78
C PRO B 143 6.83 27.76 -16.30
N PHE B 144 6.48 26.53 -16.65
CA PHE B 144 7.38 25.41 -16.43
C PHE B 144 8.80 25.75 -16.89
N PRO B 145 9.89 25.40 -16.18
CA PRO B 145 9.90 24.63 -14.93
C PRO B 145 10.03 25.41 -13.63
N ALA B 146 9.45 26.62 -13.55
CA ALA B 146 9.58 27.43 -12.36
C ALA B 146 9.06 26.71 -11.11
N ALA B 147 7.87 26.10 -11.19
CA ALA B 147 7.32 25.45 -9.99
C ALA B 147 8.24 24.36 -9.44
N PRO B 148 8.70 23.37 -10.25
CA PRO B 148 9.62 22.36 -9.71
C PRO B 148 10.92 22.97 -9.18
N ILE B 149 11.44 24.00 -9.83
CA ILE B 149 12.67 24.61 -9.35
C ILE B 149 12.43 25.15 -7.94
N ASP B 150 11.34 25.91 -7.74
CA ASP B 150 11.08 26.51 -6.44
C ASP B 150 10.86 25.44 -5.38
N CYS B 151 10.08 24.42 -5.73
CA CYS B 151 9.74 23.39 -4.75
C CYS B 151 10.99 22.69 -4.29
N GLU B 152 11.91 22.40 -5.22
CA GLU B 152 13.15 21.75 -4.84
C GLU B 152 13.99 22.70 -3.98
N ALA B 153 14.08 23.97 -4.39
CA ALA B 153 14.91 24.90 -3.64
C ALA B 153 14.38 25.11 -2.23
N ALA B 154 13.06 25.24 -2.08
CA ALA B 154 12.49 25.46 -0.78
C ALA B 154 12.68 24.23 0.11
N THR B 155 12.56 23.02 -0.49
CA THR B 155 12.72 21.79 0.28
C THR B 155 14.17 21.68 0.82
N ARG B 156 15.13 21.99 -0.04
CA ARG B 156 16.53 22.02 0.40
C ARG B 156 16.72 23.06 1.48
N TRP B 157 16.08 24.23 1.38
CA TRP B 157 16.17 25.23 2.43
C TRP B 157 15.68 24.70 3.75
N VAL B 158 14.52 24.02 3.76
CA VAL B 158 13.99 23.47 4.99
C VAL B 158 15.01 22.48 5.59
N ALA B 159 15.59 21.62 4.80
CA ALA B 159 16.53 20.63 5.33
C ALA B 159 17.77 21.32 5.93
N ASP B 160 18.15 22.46 5.37
CA ASP B 160 19.33 23.17 5.84
C ASP B 160 19.03 24.04 7.06
N ASN B 161 17.79 24.52 7.28
CA ASN B 161 17.52 25.61 8.21
C ASN B 161 16.51 25.32 9.33
N ILE B 162 15.70 24.28 9.19
CA ILE B 162 14.71 23.89 10.17
C ILE B 162 15.23 22.68 10.92
N ALA B 163 15.05 22.70 12.23
CA ALA B 163 15.44 21.57 13.05
C ALA B 163 14.55 20.37 12.71
N CYS B 164 15.16 19.36 12.18
CA CYS B 164 14.41 18.19 11.77
C CYS B 164 15.35 17.01 11.59
N THR B 165 14.79 15.80 11.53
CA THR B 165 15.55 14.60 11.30
C THR B 165 15.35 14.03 9.90
N GLY B 166 14.33 14.52 9.21
CA GLY B 166 13.99 14.00 7.89
C GLY B 166 12.75 14.72 7.38
N LEU B 167 12.46 14.49 6.10
CA LEU B 167 11.45 15.25 5.38
C LEU B 167 10.35 14.30 4.93
N VAL B 168 9.12 14.78 4.99
CA VAL B 168 7.97 14.07 4.44
C VAL B 168 7.39 14.99 3.38
N LEU B 169 7.40 14.61 2.12
CA LEU B 169 6.93 15.52 1.06
C LEU B 169 5.50 15.17 0.69
N SER B 170 4.65 16.15 0.48
CA SER B 170 3.25 15.89 0.13
C SER B 170 2.68 17.03 -0.65
N GLY B 171 1.60 16.76 -1.37
CA GLY B 171 0.92 17.79 -2.12
C GLY B 171 -0.18 17.16 -2.97
N ASP B 172 -1.12 17.99 -3.41
CA ASP B 172 -2.31 17.54 -4.09
C ASP B 172 -2.29 18.00 -5.54
N SER B 173 -2.63 17.11 -6.46
CA SER B 173 -2.88 17.44 -7.86
C SER B 173 -1.57 17.90 -8.51
N ALA B 174 -1.46 19.14 -8.99
CA ALA B 174 -0.16 19.68 -9.40
C ALA B 174 0.85 19.54 -8.28
N GLY B 175 0.43 19.66 -7.03
CA GLY B 175 1.33 19.50 -5.91
C GLY B 175 1.72 18.05 -5.68
N GLY B 176 0.89 17.13 -6.13
CA GLY B 176 1.25 15.72 -6.06
C GLY B 176 2.33 15.38 -7.13
N ASN B 177 2.19 15.98 -8.32
CA ASN B 177 3.24 15.97 -9.31
C ASN B 177 4.53 16.52 -8.70
N LEU B 178 4.46 17.69 -8.05
CA LEU B 178 5.65 18.34 -7.50
C LEU B 178 6.25 17.51 -6.36
N THR B 179 5.43 16.79 -5.62
CA THR B 179 5.91 15.86 -4.58
C THR B 179 6.83 14.82 -5.19
N ILE B 180 6.34 14.19 -6.26
CA ILE B 180 7.07 13.09 -6.88
C ILE B 180 8.34 13.61 -7.57
N VAL B 181 8.21 14.74 -8.29
CA VAL B 181 9.35 15.31 -9.02
C VAL B 181 10.43 15.74 -8.02
N THR B 182 10.02 16.34 -6.91
CA THR B 182 10.98 16.78 -5.91
C THR B 182 11.66 15.60 -5.24
N ALA B 183 10.90 14.54 -4.94
CA ALA B 183 11.48 13.36 -4.35
C ALA B 183 12.51 12.72 -5.29
N LEU B 184 12.24 12.70 -6.58
CA LEU B 184 13.20 12.18 -7.57
C LEU B 184 14.48 13.03 -7.57
N ALA B 185 14.32 14.35 -7.49
CA ALA B 185 15.51 15.22 -7.53
C ALA B 185 16.35 14.99 -6.28
N LEU B 186 15.74 14.81 -5.12
CA LEU B 186 16.47 14.59 -3.87
C LEU B 186 17.02 13.17 -3.78
N ARG B 187 16.40 12.21 -4.44
CA ARG B 187 16.97 10.87 -4.53
C ARG B 187 18.32 10.98 -5.25
N ASP B 188 18.32 11.73 -6.37
CA ASP B 188 19.50 11.83 -7.22
C ASP B 188 20.58 12.64 -6.52
N GLU B 189 20.22 13.67 -5.76
CA GLU B 189 21.18 14.51 -5.06
C GLU B 189 20.61 14.89 -3.72
N PRO B 190 20.89 14.08 -2.68
CA PRO B 190 20.28 14.29 -1.38
C PRO B 190 20.41 15.67 -0.80
N ALA B 191 19.35 16.09 -0.13
CA ALA B 191 19.39 17.27 0.72
C ALA B 191 20.13 16.93 2.02
N ALA B 192 20.20 17.91 2.92
CA ALA B 192 20.93 17.74 4.17
C ALA B 192 20.25 16.74 5.11
N LYS B 193 18.95 16.42 4.86
CA LYS B 193 18.20 15.45 5.63
C LYS B 193 17.51 14.54 4.63
N PRO B 194 17.32 13.25 4.93
CA PRO B 194 16.71 12.36 3.95
C PRO B 194 15.18 12.60 3.86
N VAL B 195 14.68 12.26 2.67
CA VAL B 195 13.21 12.13 2.53
C VAL B 195 12.80 10.78 3.09
N ILE B 196 12.01 10.79 4.14
CA ILE B 196 11.53 9.64 4.91
CA ILE B 196 11.67 9.50 4.72
C ILE B 196 10.37 8.95 4.18
N ALA B 197 9.49 9.75 3.60
CA ALA B 197 8.24 9.25 3.03
C ALA B 197 7.70 10.34 2.14
N ILE B 198 6.84 9.95 1.18
CA ILE B 198 6.13 10.91 0.37
C ILE B 198 4.66 10.56 0.31
N HIS B 199 3.83 11.59 0.11
CA HIS B 199 2.39 11.44 0.08
C HIS B 199 1.79 12.28 -1.04
N PRO B 200 1.89 11.82 -2.29
CA PRO B 200 1.22 12.49 -3.39
C PRO B 200 -0.28 12.18 -3.35
N ILE B 201 -1.10 13.22 -3.46
CA ILE B 201 -2.57 13.18 -3.34
C ILE B 201 -3.14 13.50 -4.71
N TYR B 202 -3.93 12.57 -5.26
CA TYR B 202 -4.44 12.62 -6.64
C TYR B 202 -3.50 13.32 -7.62
N PRO B 203 -2.27 12.79 -7.77
CA PRO B 203 -1.24 13.48 -8.55
C PRO B 203 -1.49 13.38 -10.04
N ALA B 204 -0.95 14.37 -10.77
CA ALA B 204 -0.66 14.21 -12.18
C ALA B 204 0.76 13.67 -12.34
N VAL B 205 0.94 12.70 -13.21
CA VAL B 205 2.27 12.11 -13.41
C VAL B 205 2.65 12.03 -14.90
N THR B 206 1.78 12.54 -15.77
CA THR B 206 2.07 12.58 -17.21
C THR B 206 1.24 13.70 -17.82
N THR B 207 1.66 14.15 -19.02
CA THR B 207 0.86 15.15 -19.72
C THR B 207 -0.23 14.55 -20.60
N HIS B 208 -0.20 13.25 -20.90
CA HIS B 208 -1.12 12.73 -21.89
C HIS B 208 -2.45 12.36 -21.24
N ASN B 209 -3.50 12.30 -22.06
CA ASN B 209 -4.87 12.09 -21.62
C ASN B 209 -5.44 10.74 -22.07
N ASP B 210 -4.60 9.79 -22.48
CA ASP B 210 -5.08 8.49 -22.93
C ASP B 210 -5.26 7.54 -21.74
N TRP B 211 -6.35 7.80 -21.02
CA TRP B 211 -6.75 7.05 -19.84
C TRP B 211 -8.28 6.92 -19.85
N GLN B 212 -8.76 5.73 -19.50
CA GLN B 212 -10.19 5.51 -19.39
C GLN B 212 -10.84 6.47 -18.38
N SER B 213 -10.16 6.74 -17.25
CA SER B 213 -10.73 7.65 -16.28
C SER B 213 -10.93 9.07 -16.84
N TYR B 214 -10.03 9.51 -17.73
CA TYR B 214 -10.17 10.81 -18.35
C TYR B 214 -11.43 10.86 -19.23
N ARG B 215 -11.66 9.78 -19.97
CA ARG B 215 -12.83 9.69 -20.85
C ARG B 215 -14.09 9.62 -20.01
N ASP B 216 -14.02 8.92 -18.86
CA ASP B 216 -15.21 8.72 -18.07
C ASP B 216 -15.57 9.94 -17.22
N PHE B 217 -14.56 10.67 -16.66
CA PHE B 217 -14.80 11.67 -15.63
C PHE B 217 -14.32 13.06 -16.01
N GLY B 218 -14.01 13.26 -17.27
CA GLY B 218 -13.52 14.53 -17.78
C GLY B 218 -14.60 15.60 -17.94
N GLU B 219 -15.86 15.26 -17.68
CA GLU B 219 -16.90 16.24 -17.53
C GLU B 219 -17.68 16.00 -16.24
N GLY B 220 -18.16 17.09 -15.66
CA GLY B 220 -19.11 17.04 -14.55
C GLY B 220 -18.55 16.65 -13.19
N HIS B 221 -17.21 16.56 -13.07
CA HIS B 221 -16.63 16.17 -11.81
C HIS B 221 -15.52 17.10 -11.37
N LEU B 222 -15.74 18.41 -11.55
CA LEU B 222 -14.94 19.53 -11.03
C LEU B 222 -13.70 19.75 -11.88
N LEU B 223 -12.76 18.78 -11.92
CA LEU B 223 -11.62 18.88 -12.81
C LEU B 223 -12.07 18.38 -14.19
N THR B 224 -12.20 19.30 -15.13
CA THR B 224 -12.76 18.97 -16.43
C THR B 224 -11.72 19.04 -17.54
N GLU B 225 -12.03 18.45 -18.69
CA GLU B 225 -11.18 18.56 -19.87
C GLU B 225 -10.83 20.02 -20.15
N GLY B 226 -11.82 20.91 -20.07
CA GLY B 226 -11.64 22.33 -20.32
C GLY B 226 -10.64 22.98 -19.35
N SER B 227 -10.80 22.68 -18.05
CA SER B 227 -9.91 23.26 -17.06
CA SER B 227 -9.91 23.29 -17.08
C SER B 227 -8.50 22.73 -17.23
N MET B 228 -8.38 21.43 -17.50
CA MET B 228 -7.07 20.80 -17.69
C MET B 228 -6.33 21.37 -18.90
N THR B 229 -7.06 21.62 -20.01
CA THR B 229 -6.43 22.26 -21.16
C THR B 229 -5.97 23.67 -20.83
N TRP B 230 -6.79 24.40 -20.07
CA TRP B 230 -6.47 25.78 -19.71
C TRP B 230 -5.21 25.84 -18.82
N PHE B 231 -5.17 24.96 -17.81
CA PHE B 231 -3.98 24.90 -16.96
C PHE B 231 -2.73 24.53 -17.75
N GLY B 232 -2.84 23.50 -18.58
CA GLY B 232 -1.71 22.98 -19.34
C GLY B 232 -1.16 24.05 -20.30
N ASN B 233 -2.06 24.80 -20.93
CA ASN B 233 -1.63 25.79 -21.89
C ASN B 233 -0.85 26.88 -21.16
N HIS B 234 -1.29 27.29 -19.99
CA HIS B 234 -0.55 28.30 -19.22
C HIS B 234 0.80 27.79 -18.71
N TYR B 235 0.83 26.53 -18.22
CA TYR B 235 2.06 26.01 -17.63
C TYR B 235 3.15 25.68 -18.67
N ALA B 236 2.73 25.25 -19.85
CA ALA B 236 3.62 24.98 -20.96
C ALA B 236 4.76 24.05 -20.59
N ALA B 237 4.39 22.90 -20.02
CA ALA B 237 5.38 21.92 -19.63
C ALA B 237 5.94 21.20 -20.87
N ASP B 238 7.18 20.79 -20.73
CA ASP B 238 7.83 19.91 -21.72
C ASP B 238 7.43 18.48 -21.42
N PRO B 239 6.67 17.81 -22.31
CA PRO B 239 6.16 16.47 -22.03
C PRO B 239 7.24 15.40 -21.91
N ALA B 240 8.47 15.68 -22.40
CA ALA B 240 9.59 14.75 -22.33
C ALA B 240 10.44 14.91 -21.07
N ASP B 241 10.18 15.89 -20.21
CA ASP B 241 11.02 16.20 -19.09
C ASP B 241 10.47 15.46 -17.86
N ARG B 242 11.35 14.83 -17.10
CA ARG B 242 10.97 14.13 -15.88
C ARG B 242 10.23 15.03 -14.91
N ARG B 243 10.48 16.34 -14.92
CA ARG B 243 9.82 17.24 -13.98
C ARG B 243 8.38 17.53 -14.39
N ALA B 244 7.95 17.09 -15.56
CA ALA B 244 6.57 17.07 -16.00
C ALA B 244 5.95 15.68 -15.94
N ALA B 245 6.66 14.67 -16.42
CA ALA B 245 6.11 13.33 -16.64
C ALA B 245 7.00 12.32 -15.94
N PRO B 246 6.91 12.25 -14.61
CA PRO B 246 7.71 11.30 -13.85
C PRO B 246 7.42 9.84 -14.16
N ILE B 247 6.22 9.50 -14.67
CA ILE B 247 5.90 8.12 -14.96
C ILE B 247 6.80 7.55 -16.06
N ASP B 248 7.47 8.41 -16.84
CA ASP B 248 8.31 7.91 -17.93
C ASP B 248 9.76 7.69 -17.49
N PHE B 249 10.10 7.76 -16.20
CA PHE B 249 11.46 7.70 -15.71
C PHE B 249 11.56 6.75 -14.54
N PRO B 250 12.72 6.12 -14.30
CA PRO B 250 12.81 5.09 -13.25
C PRO B 250 12.43 5.60 -11.88
N ALA B 251 11.69 4.76 -11.13
CA ALA B 251 11.24 5.10 -9.80
C ALA B 251 12.05 4.37 -8.73
N ASP B 252 13.03 3.54 -9.11
CA ASP B 252 13.78 2.80 -8.12
C ASP B 252 14.42 3.76 -7.12
N GLY B 253 14.39 3.39 -5.84
CA GLY B 253 15.09 4.12 -4.81
C GLY B 253 14.30 5.30 -4.24
N LEU B 254 13.04 5.50 -4.66
CA LEU B 254 12.23 6.51 -3.99
C LEU B 254 11.90 6.05 -2.59
N PRO B 255 11.52 6.97 -1.68
CA PRO B 255 11.10 6.64 -0.34
C PRO B 255 9.75 5.94 -0.32
N PRO B 256 9.41 5.31 0.80
CA PRO B 256 8.07 4.80 1.04
C PRO B 256 7.04 5.87 0.67
N THR B 257 6.02 5.39 -0.08
CA THR B 257 5.06 6.26 -0.73
C THR B 257 3.64 5.90 -0.32
N LEU B 258 2.83 6.89 0.04
CA LEU B 258 1.41 6.76 0.21
C LEU B 258 0.77 7.56 -0.92
N LEU B 259 0.15 6.89 -1.89
CA LEU B 259 -0.48 7.56 -3.01
C LEU B 259 -1.96 7.31 -2.91
N ILE B 260 -2.74 8.40 -2.97
CA ILE B 260 -4.18 8.29 -2.95
C ILE B 260 -4.76 8.88 -4.21
N THR B 261 -5.81 8.26 -4.72
CA THR B 261 -6.59 8.77 -5.81
C THR B 261 -8.03 8.91 -5.39
N ALA B 262 -8.79 9.64 -6.22
CA ALA B 262 -10.23 9.68 -6.07
C ALA B 262 -10.85 8.86 -7.21
N SER B 263 -11.93 8.12 -6.94
CA SER B 263 -12.41 7.16 -7.93
C SER B 263 -13.12 7.84 -9.09
N LEU B 264 -13.58 9.08 -8.92
CA LEU B 264 -14.29 9.79 -10.00
C LEU B 264 -13.42 10.89 -10.60
N ASP B 265 -12.11 10.68 -10.61
CA ASP B 265 -11.16 11.71 -11.01
C ASP B 265 -10.63 11.32 -12.37
N PRO B 266 -10.59 12.23 -13.36
CA PRO B 266 -9.86 11.97 -14.58
C PRO B 266 -8.42 11.50 -14.42
N LEU B 267 -7.75 11.94 -13.35
CA LEU B 267 -6.35 11.56 -13.08
C LEU B 267 -6.25 10.21 -12.38
N ARG B 268 -7.35 9.54 -12.07
CA ARG B 268 -7.29 8.31 -11.28
C ARG B 268 -6.36 7.29 -11.90
N ASP B 269 -6.52 7.01 -13.18
CA ASP B 269 -5.82 5.90 -13.76
C ASP B 269 -4.31 6.14 -13.84
N GLN B 270 -3.87 7.36 -14.03
CA GLN B 270 -2.44 7.61 -14.06
C GLN B 270 -1.87 7.48 -12.64
N GLY B 271 -2.66 7.82 -11.62
CA GLY B 271 -2.24 7.60 -10.25
C GLY B 271 -2.08 6.14 -9.91
N ARG B 272 -3.07 5.33 -10.33
CA ARG B 272 -2.95 3.88 -10.22
C ARG B 272 -1.68 3.40 -10.90
N ALA B 273 -1.44 3.90 -12.13
CA ALA B 273 -0.30 3.46 -12.90
C ALA B 273 1.00 3.83 -12.21
N TYR B 274 1.08 5.01 -11.63
CA TYR B 274 2.31 5.39 -10.95
C TYR B 274 2.56 4.52 -9.70
N ALA B 275 1.49 4.23 -8.93
CA ALA B 275 1.66 3.38 -7.77
C ALA B 275 2.11 1.99 -8.19
N ALA B 276 1.56 1.46 -9.32
CA ALA B 276 1.97 0.16 -9.83
C ALA B 276 3.44 0.18 -10.21
N LYS B 277 3.89 1.28 -10.83
CA LYS B 277 5.28 1.43 -11.23
C LYS B 277 6.20 1.41 -10.02
N LEU B 278 5.82 2.08 -8.95
CA LEU B 278 6.60 2.09 -7.73
C LEU B 278 6.79 0.68 -7.21
N ILE B 279 5.71 -0.09 -7.16
CA ILE B 279 5.81 -1.45 -6.65
C ILE B 279 6.71 -2.28 -7.56
N GLU B 280 6.59 -2.16 -8.87
CA GLU B 280 7.42 -2.92 -9.78
C GLU B 280 8.88 -2.54 -9.66
N ALA B 281 9.20 -1.38 -9.07
CA ALA B 281 10.57 -0.95 -8.76
C ALA B 281 10.98 -1.30 -7.35
N GLY B 282 10.14 -1.99 -6.57
CA GLY B 282 10.48 -2.35 -5.20
C GLY B 282 10.34 -1.25 -4.17
N VAL B 283 9.61 -0.18 -4.51
CA VAL B 283 9.39 0.87 -3.54
C VAL B 283 8.22 0.47 -2.64
N PRO B 284 8.34 0.50 -1.32
CA PRO B 284 7.22 0.21 -0.46
C PRO B 284 6.13 1.25 -0.67
N THR B 285 4.93 0.80 -0.96
CA THR B 285 3.90 1.65 -1.54
C THR B 285 2.57 1.29 -0.88
N THR B 286 1.84 2.31 -0.37
CA THR B 286 0.49 2.17 0.13
C THR B 286 -0.40 2.90 -0.84
N TYR B 287 -1.34 2.21 -1.48
CA TYR B 287 -2.28 2.78 -2.43
C TYR B 287 -3.65 2.83 -1.81
N ARG B 288 -4.23 4.00 -1.78
CA ARG B 288 -5.61 4.21 -1.32
C ARG B 288 -6.39 4.82 -2.49
N GLU B 289 -7.68 4.50 -2.54
CA GLU B 289 -8.57 5.08 -3.55
C GLU B 289 -9.82 5.55 -2.80
N ALA B 290 -10.10 6.85 -2.84
CA ALA B 290 -11.27 7.39 -2.17
C ALA B 290 -12.47 7.09 -3.05
N LYS B 291 -13.24 6.06 -2.66
CA LYS B 291 -14.26 5.52 -3.54
CA LYS B 291 -14.28 5.50 -3.49
C LYS B 291 -15.52 6.37 -3.45
N GLY B 292 -15.93 6.83 -4.61
CA GLY B 292 -17.16 7.61 -4.78
C GLY B 292 -16.98 9.10 -4.62
N THR B 293 -15.75 9.62 -4.60
CA THR B 293 -15.52 11.05 -4.51
C THR B 293 -14.61 11.53 -5.63
N ILE B 294 -14.38 12.87 -5.64
CA ILE B 294 -13.83 13.57 -6.79
C ILE B 294 -12.45 14.14 -6.49
N HIS B 295 -11.80 14.54 -7.58
CA HIS B 295 -10.62 15.37 -7.52
C HIS B 295 -10.91 16.61 -6.69
N GLY B 296 -9.95 17.00 -5.83
CA GLY B 296 -10.00 18.24 -5.11
C GLY B 296 -10.62 18.15 -3.73
N TYR B 297 -10.93 16.93 -3.25
CA TYR B 297 -11.69 16.79 -2.02
C TYR B 297 -10.94 17.37 -0.81
N ILE B 298 -9.60 17.45 -0.82
CA ILE B 298 -8.96 17.81 0.43
C ILE B 298 -9.23 19.26 0.81
N CYS B 299 -9.76 20.07 -0.13
CA CYS B 299 -10.15 21.45 0.17
CA CYS B 299 -10.16 21.43 0.22
C CYS B 299 -11.66 21.63 0.07
N LEU B 300 -12.40 20.54 0.21
CA LEU B 300 -13.87 20.60 0.09
C LEU B 300 -14.56 19.97 1.27
N ALA B 301 -13.96 20.02 2.46
CA ALA B 301 -14.43 19.25 3.59
C ALA B 301 -15.70 19.78 4.26
N GLN B 302 -16.15 20.99 3.90
CA GLN B 302 -17.46 21.45 4.37
C GLN B 302 -18.54 21.12 3.33
N GLY B 303 -18.26 21.34 2.05
CA GLY B 303 -19.18 21.00 0.97
C GLY B 303 -19.42 19.51 0.83
N ILE B 304 -18.36 18.70 1.07
CA ILE B 304 -18.43 17.24 1.00
C ILE B 304 -17.97 16.71 2.34
N PRO B 305 -18.85 16.54 3.33
CA PRO B 305 -18.41 16.15 4.67
C PRO B 305 -17.61 14.86 4.75
N SER B 306 -17.86 13.92 3.82
CA SER B 306 -17.11 12.66 3.82
C SER B 306 -15.63 12.89 3.54
N ALA B 307 -15.26 14.03 2.97
CA ALA B 307 -13.85 14.32 2.74
C ALA B 307 -13.09 14.31 4.06
N LYS B 308 -13.75 14.65 5.17
CA LYS B 308 -13.05 14.63 6.44
C LYS B 308 -12.50 13.24 6.75
N ASP B 309 -13.24 12.21 6.39
CA ASP B 309 -12.83 10.82 6.61
C ASP B 309 -11.70 10.45 5.64
N ASP B 310 -11.78 10.88 4.40
CA ASP B 310 -10.69 10.62 3.46
C ASP B 310 -9.38 11.24 3.93
N ILE B 311 -9.47 12.45 4.46
CA ILE B 311 -8.31 13.17 4.97
C ILE B 311 -7.76 12.45 6.19
N ARG B 312 -8.60 12.20 7.17
CA ARG B 312 -8.16 11.58 8.39
C ARG B 312 -7.61 10.18 8.10
N GLY B 313 -8.25 9.44 7.20
CA GLY B 313 -7.82 8.08 6.98
C GLY B 313 -6.42 8.05 6.36
N ALA B 314 -6.15 8.89 5.39
CA ALA B 314 -4.83 8.95 4.80
C ALA B 314 -3.78 9.44 5.77
N LEU B 315 -4.07 10.50 6.51
CA LEU B 315 -3.05 11.00 7.41
C LEU B 315 -2.75 10.04 8.58
N THR B 316 -3.72 9.22 8.99
CA THR B 316 -3.46 8.22 10.01
C THR B 316 -2.46 7.20 9.47
N VAL B 317 -2.66 6.76 8.23
CA VAL B 317 -1.77 5.82 7.59
C VAL B 317 -0.37 6.43 7.41
N LEU B 318 -0.30 7.70 6.99
CA LEU B 318 0.98 8.37 6.80
C LEU B 318 1.73 8.48 8.15
N LYS B 319 1.01 8.81 9.21
CA LYS B 319 1.62 8.93 10.52
C LYS B 319 2.30 7.61 10.89
N ALA B 320 1.64 6.50 10.57
CA ALA B 320 2.22 5.19 10.86
C ALA B 320 3.45 4.90 9.99
N ILE B 321 3.43 5.25 8.70
CA ILE B 321 4.58 5.08 7.83
C ILE B 321 5.79 5.83 8.40
N VAL B 322 5.56 7.06 8.84
CA VAL B 322 6.64 7.86 9.37
C VAL B 322 7.13 7.28 10.69
N ALA B 323 6.24 6.76 11.52
CA ALA B 323 6.67 6.17 12.79
C ALA B 323 7.52 4.93 12.53
N GLU B 324 7.18 4.15 11.50
CA GLU B 324 7.95 2.94 11.23
C GLU B 324 9.33 3.35 10.75
N ALA B 325 9.40 4.38 9.90
CA ALA B 325 10.68 4.85 9.39
C ALA B 325 11.54 5.33 10.57
N THR B 326 10.97 6.12 11.45
CA THR B 326 11.81 6.78 12.42
C THR B 326 12.15 5.81 13.56
N GLY B 327 11.37 4.72 13.71
CA GLY B 327 11.62 3.73 14.75
C GLY B 327 12.70 2.73 14.34
N ALA B 328 13.02 2.63 13.04
CA ALA B 328 13.92 1.59 12.53
C ALA B 328 15.38 1.99 12.78
N ABN C . 7.12 -22.03 1.43
C ABN C . 7.67 -23.16 2.17
C1 ABN C . 9.12 -23.33 1.84
C2 ABN C . 9.55 -24.24 0.91
C3 ABN C . 10.89 -24.36 0.60
C4 ABN C . 11.81 -23.55 1.23
C5 ABN C . 11.39 -22.63 2.16
C6 ABN C . 10.05 -22.51 2.46
HN1 ABN C . 6.29 -22.36 1.07
HN2 ABN C . 6.91 -21.38 2.10
H1 ABN C . 7.16 -23.97 1.94
H2A ABN C . 7.56 -23.01 3.14
H2 ABN C . 8.92 -24.80 0.47
H3 ABN C . 11.18 -25.00 -0.04
H4 ABN C . 12.73 -23.63 1.02
H5 ABN C . 12.02 -22.07 2.59
H6 ABN C . 9.76 -21.87 3.11
N ABN D . 4.70 -24.85 -10.57
C ABN D . 3.95 -24.97 -9.30
C1 ABN D . 2.86 -23.95 -9.12
C2 ABN D . 1.55 -24.34 -8.98
C3 ABN D . 0.54 -23.44 -8.75
C4 ABN D . 0.80 -22.12 -8.73
C5 ABN D . 2.09 -21.69 -8.85
C6 ABN D . 3.11 -22.58 -9.04
HN1 ABN D . 5.11 -23.97 -10.52
HN2 ABN D . 4.03 -24.81 -11.25
H1 ABN D . 4.60 -24.91 -8.57
H2A ABN D . 3.57 -25.88 -9.30
H2 ABN D . 1.35 -25.26 -9.00
H3 ABN D . -0.35 -23.75 -8.68
H4 ABN D . 0.10 -21.51 -8.58
H5 ABN D . 2.28 -20.76 -8.81
H6 ABN D . 3.99 -22.27 -9.14
N ABN E . 4.88 -22.64 -3.04
N ABN E . 6.93 -23.31 -2.94
C ABN E . 6.31 -22.77 -3.29
C ABN E . 6.09 -22.38 -3.71
C1 ABN E . 6.48 -22.89 -4.78
C1 ABN E . 6.22 -22.58 -5.19
C2 ABN E . 6.47 -21.79 -5.62
C2 ABN E . 6.04 -21.53 -6.07
C3 ABN E . 6.60 -21.94 -6.99
C3 ABN E . 6.16 -21.72 -7.44
C4 ABN E . 6.71 -23.20 -7.53
C4 ABN E . 6.46 -22.97 -7.93
C5 ABN E . 6.67 -24.27 -6.70
C5 ABN E . 6.64 -24.03 -7.07
C6 ABN E . 6.55 -24.15 -5.34
C6 ABN E . 6.51 -23.84 -5.71
HN1 ABN E . 4.77 -22.90 -2.11
HN1 ABN E . 7.64 -22.76 -2.58
HN2 ABN E . 4.69 -21.69 -3.08
HN2 ABN E . 7.33 -23.88 -3.59
H1 ABN E . 6.65 -23.55 -2.81
H1 ABN E . 6.36 -21.46 -3.46
H2A ABN E . 6.77 -21.97 -2.92
H2A ABN E . 5.16 -22.52 -3.41
H2 ABN E . 6.40 -20.92 -5.26
H2 ABN E . 5.84 -20.66 -5.74
H3 ABN E . 6.61 -21.17 -7.55
H3 ABN E . 6.04 -20.99 -8.04
H4 ABN E . 6.78 -23.31 -8.46
H4 ABN E . 6.54 -23.10 -8.87
H5 ABN E . 6.74 -25.13 -7.08
H5 ABN E . 6.83 -24.88 -7.41
H6 ABN E . 6.54 -24.91 -4.78
H6 ABN E . 6.64 -24.57 -5.12
N ABN F . -14.85 -22.96 18.56
C ABN F . -14.77 -23.49 17.20
C1 ABN F . -13.42 -24.07 16.86
C2 ABN F . -12.80 -24.95 17.72
C3 ABN F . -11.55 -25.46 17.43
C4 ABN F . -10.93 -25.10 16.27
C5 ABN F . -11.52 -24.22 15.41
C6 ABN F . -12.78 -23.72 15.68
HN1 ABN F . -13.97 -22.57 18.74
HN2 ABN F . -14.94 -23.73 19.14
H1 ABN F . -15.01 -22.77 16.59
H2A ABN F . -15.46 -24.19 17.13
H2 ABN F . -13.23 -25.20 18.53
H3 ABN F . -11.14 -26.06 18.03
H4 ABN F . -10.08 -25.46 16.06
H5 ABN F . -11.09 -23.99 14.61
H6 ABN F . -13.18 -23.11 15.09
N ABN G . -7.36 22.14 -9.30
C ABN G . -8.67 21.98 -9.94
C1 ABN G . -9.72 22.91 -9.41
C2 ABN G . -10.28 23.90 -10.22
C3 ABN G . -11.25 24.75 -9.73
C4 ABN G . -11.68 24.63 -8.42
C5 ABN G . -11.14 23.65 -7.60
C6 ABN G . -10.17 22.80 -8.09
HN1 ABN G . -7.49 21.92 -8.37
HN2 ABN G . -7.16 23.09 -9.35
H1 ABN G . -8.94 21.04 -9.80
H2A ABN G . -8.54 22.11 -10.90
H2 ABN G . -9.99 23.98 -11.11
H3 ABN G . -11.62 25.41 -10.27
H4 ABN G . -12.35 25.21 -8.08
H5 ABN G . -11.43 23.57 -6.71
H6 ABN G . -9.79 22.13 -7.53
N ABN H . -3.07 19.63 -11.94
N ABN H . -4.92 18.51 -12.03
C ABN H . -4.39 19.63 -12.55
C ABN H . -4.22 19.49 -12.86
C1 ABN H . -4.20 19.18 -13.97
C1 ABN H . -3.93 18.93 -14.23
C2 ABN H . -4.04 20.14 -14.95
C2 ABN H . -4.03 19.71 -15.37
C3 ABN H . -3.86 19.77 -16.26
C3 ABN H . -3.76 19.18 -16.61
C4 ABN H . -3.74 18.44 -16.61
C4 ABN H . -3.39 17.85 -16.73
C5 ABN H . -3.81 17.48 -15.64
C5 ABN H . -3.29 17.06 -15.62
C6 ABN H . -4.01 17.86 -14.32
C6 ABN H . -3.55 17.60 -14.37
HN1 ABN H . -3.14 20.25 -11.20
HN1 ABN H . -4.64 18.72 -11.13
HN2 ABN H . -2.98 18.74 -11.57
HN2 ABN H . -5.86 18.75 -12.10
H1 ABN H . -4.77 20.54 -12.49
H1 ABN H . -3.40 19.76 -12.40
H2A ABN H . -4.98 19.03 -12.05
H2A ABN H . -4.79 20.30 -12.93
H2 ABN H . -4.16 21.06 -14.73
H2 ABN H . -4.28 20.62 -15.29
H3 ABN H . -3.80 20.42 -16.93
H3 ABN H . -3.83 19.71 -17.38
H4 ABN H . -3.58 18.20 -17.51
H4 ABN H . -3.21 17.50 -17.58
H5 ABN H . -3.73 16.57 -15.86
H5 ABN H . -3.03 16.16 -15.69
H6 ABN H . -4.10 17.20 -13.65
H6 ABN H . -3.48 17.05 -13.60
N ABN I . -0.95 18.71 -19.49
C ABN I . -0.62 19.45 -18.26
C1 ABN I . 0.40 18.73 -17.43
C2 ABN I . 0.18 17.47 -16.87
C3 ABN I . 1.17 16.87 -16.13
C4 ABN I . 2.38 17.51 -15.92
C5 ABN I . 2.60 18.75 -16.45
C6 ABN I . 1.62 19.34 -17.21
HN1 ABN I . -1.81 19.04 -19.76
HN2 ABN I . -0.31 19.03 -20.14
H1 ABN I . -1.46 19.58 -17.77
H2A ABN I . -0.30 20.34 -18.54
H2 ABN I . -0.64 17.03 -17.02
H3 ABN I . 1.03 16.02 -15.75
H4 ABN I . 3.06 17.10 -15.40
H5 ABN I . 3.43 19.19 -16.32
H6 ABN I . 1.77 20.20 -17.58
N ABN J . -32.36 11.06 3.26
C ABN J . -31.81 9.86 3.92
C1 ABN J . -32.36 8.59 3.33
C2 ABN J . -33.38 7.90 3.97
C3 ABN J . -33.90 6.75 3.39
C4 ABN J . -33.42 6.29 2.19
C5 ABN J . -32.40 6.94 1.57
C6 ABN J . -31.88 8.10 2.12
HN1 ABN J . -32.20 11.79 3.89
HN2 ABN J . -31.78 11.22 2.51
H1 ABN J . -32.04 9.92 4.89
H2A ABN J . -30.84 9.89 3.84
H2 ABN J . -33.74 8.23 4.78
H3 ABN J . -34.60 6.29 3.82
H4 ABN J . -33.77 5.49 1.81
H5 ABN J . -32.06 6.63 0.74
H6 ABN J . -31.19 8.56 1.69
N ABN K . -28.17 9.24 4.97
C ABN K . -27.20 9.59 3.93
C1 ABN K . -27.88 9.65 2.59
C2 ABN K . -28.05 8.49 1.84
C3 ABN K . -28.69 8.54 0.62
C4 ABN K . -29.22 9.74 0.16
C5 ABN K . -29.03 10.89 0.89
C6 ABN K . -28.36 10.85 2.11
HN1 ABN K . -27.64 8.97 5.73
HN2 ABN K . -28.59 10.07 5.20
H1 ABN K . -26.48 8.90 3.94
H2A ABN K . -26.79 10.45 4.17
H2 ABN K . -27.72 7.66 2.16
H3 ABN K . -28.81 7.76 0.12
H4 ABN K . -29.65 9.78 -0.68
H5 ABN K . -29.38 11.71 0.57
H6 ABN K . -28.28 11.64 2.61
N ABN L . -22.58 20.36 2.66
C ABN L . -23.34 21.60 2.43
C1 ABN L . -22.55 22.63 1.67
C2 ABN L . -21.70 23.48 2.35
C3 ABN L . -20.93 24.39 1.65
C4 ABN L . -21.00 24.48 0.28
C5 ABN L . -21.85 23.64 -0.41
C6 ABN L . -22.60 22.71 0.29
HN1 ABN L . -21.81 20.63 3.17
HN2 ABN L . -22.25 20.10 1.78
H1 ABN L . -23.61 21.95 3.31
H2A ABN L . -24.16 21.36 1.94
H2 ABN L . -21.63 23.42 3.29
H3 ABN L . -20.37 24.97 2.13
H4 ABN L . -20.49 25.12 -0.18
H5 ABN L . -21.90 23.69 -1.35
H6 ABN L . -23.17 22.14 -0.20
N ABN M . -28.07 22.41 1.75
C ABN M . -27.69 22.58 0.35
C1 ABN M . -26.64 21.57 -0.03
C2 ABN M . -25.77 21.81 -1.10
C3 ABN M . -24.81 20.88 -1.44
C4 ABN M . -24.69 19.72 -0.72
C5 ABN M . -25.54 19.46 0.32
C6 ABN M . -26.52 20.38 0.67
HN1 ABN M . -28.42 23.28 2.01
HN2 ABN M . -28.82 21.81 1.73
H1 ABN M . -27.36 23.50 0.24
H2A ABN M . -28.49 22.48 -0.20
H2 ABN M . -25.84 22.62 -1.59
H3 ABN M . -24.22 21.04 -2.16
H4 ABN M . -24.04 19.08 -0.97
H5 ABN M . -25.46 18.65 0.80
H6 ABN M . -27.10 20.20 1.40
N ABN N . 10.50 32.60 11.47
C ABN N . 10.21 31.17 11.65
C1 ABN N . 9.54 30.47 10.49
C2 ABN N . 10.05 29.28 10.02
C3 ABN N . 9.46 28.62 8.95
C4 ABN N . 8.36 29.16 8.33
C5 ABN N . 7.84 30.34 8.79
C6 ABN N . 8.43 31.00 9.86
HN1 ABN N . 9.77 33.07 11.89
HN2 ABN N . 10.44 32.76 10.52
H1 ABN N . 9.66 31.08 12.46
H2A ABN N . 11.07 30.73 11.84
H2 ABN N . 10.82 28.90 10.43
H3 ABN N . 9.83 27.81 8.63
H4 ABN N . 7.96 28.71 7.60
H5 ABN N . 7.08 30.71 8.36
H6 ABN N . 8.06 31.82 10.15
#